data_3EYP
#
_entry.id   3EYP
#
_cell.length_a   120.709
_cell.length_b   125.193
_cell.length_c   158.207
_cell.angle_alpha   90.000
_cell.angle_beta   90.000
_cell.angle_gamma   90.000
#
_symmetry.space_group_name_H-M   'I 21 21 21'
#
loop_
_entity.id
_entity.type
_entity.pdbx_description
1 polymer 'Putative alpha-L-fucosidase'
2 non-polymer GLYCEROL
3 water water
#
_entity_poly.entity_id   1
_entity_poly.type   'polypeptide(L)'
_entity_poly.pdbx_seq_one_letter_code
;MSLAPCGLVPSARQLEWYNREMIAFFHFGINTFEEYVNEGDGKASTAIFNPTALDCRQWMQTLKAAGIPAAILTAKHADG
FCLWPSKYTDYSVKNAAWKNGKGDVVREFVDACEEYGLKAGIYLGPHDRHEHLSPLYTTERYKEYYAHQLGELMSDYGKI
WETWWDGAGADELTTPVYRHWYKIVREKQPDCVIFGTKNSYPFADVRWMGNEAGEAGDPCWATTDSVAIRDEAQYYKGLN
EGMLDGDAYIPAETDVSIRPSWFYHAEEDSRVKSVRELWDIYCTSVGRNSVLLLNFPPDRRGLIHSTDSLHAALLKQGID
ETFSTNLLRGAKVKATNVRGAKYSPEKMLDNEKNTYFAGKDGEVKADIIFTLPKTIEFDCLMIEEVIELGHRTTKWSVEY
TVDGKNWITIPEATDKQAIGHKWIVRLAPVKAKQVRLRIQDGKACPAIHTFGVYKQSPVFKEGHHHHHH
;
_entity_poly.pdbx_strand_id   A,B
#
# COMPACT_ATOMS: atom_id res chain seq x y z
N SER A 2 3.87 47.31 -2.81
CA SER A 2 3.71 46.03 -3.58
C SER A 2 4.79 45.92 -4.63
N LEU A 3 5.28 44.70 -4.80
CA LEU A 3 6.19 44.41 -5.91
C LEU A 3 5.41 44.37 -7.18
N ALA A 4 6.00 44.92 -8.22
CA ALA A 4 5.47 44.78 -9.60
C ALA A 4 5.81 43.37 -10.07
N PRO A 5 4.92 42.75 -10.87
CA PRO A 5 5.34 41.45 -11.40
C PRO A 5 6.45 41.65 -12.41
N CYS A 6 7.14 40.58 -12.72
CA CYS A 6 8.22 40.63 -13.66
C CYS A 6 7.94 39.68 -14.81
N GLY A 7 7.91 40.21 -16.02
CA GLY A 7 7.74 39.41 -17.23
C GLY A 7 6.38 38.81 -17.37
N LEU A 8 6.30 37.62 -17.97
CA LEU A 8 5.03 36.88 -18.12
C LEU A 8 4.62 36.20 -16.82
N VAL A 9 3.34 36.17 -16.55
CA VAL A 9 2.79 35.65 -15.30
C VAL A 9 1.65 34.62 -15.52
N PRO A 10 1.43 33.76 -14.56
CA PRO A 10 0.40 32.75 -14.72
C PRO A 10 -1.01 33.29 -14.56
N SER A 11 -1.92 32.61 -15.22
CA SER A 11 -3.36 32.86 -15.07
C SER A 11 -3.92 32.20 -13.83
N ALA A 12 -5.18 32.53 -13.52
CA ALA A 12 -5.84 31.93 -12.34
C ALA A 12 -5.86 30.38 -12.49
N ARG A 13 -6.12 29.94 -13.71
CA ARG A 13 -6.15 28.48 -14.07
C ARG A 13 -4.81 27.83 -13.84
N GLN A 14 -3.79 28.52 -14.26
CA GLN A 14 -2.45 28.01 -14.16
C GLN A 14 -2.01 27.95 -12.72
N LEU A 15 -2.44 28.91 -11.91
CA LEU A 15 -2.12 28.86 -10.47
C LEU A 15 -2.82 27.67 -9.79
N GLU A 16 -4.07 27.47 -10.15
CA GLU A 16 -4.86 26.36 -9.56
C GLU A 16 -4.20 25.00 -9.89
N TRP A 17 -3.81 24.88 -11.14
CA TRP A 17 -3.14 23.66 -11.68
C TRP A 17 -1.82 23.42 -11.00
N TYR A 18 -1.04 24.48 -10.85
CA TYR A 18 0.27 24.35 -10.19
C TYR A 18 0.12 23.79 -8.77
N ASN A 19 -0.90 24.28 -8.10
CA ASN A 19 -1.14 23.97 -6.70
C ASN A 19 -1.57 22.51 -6.45
N ARG A 20 -2.00 21.86 -7.52
CA ARG A 20 -2.43 20.44 -7.43
C ARG A 20 -1.25 19.50 -7.07
N GLU A 21 -0.13 19.90 -7.66
CA GLU A 21 1.18 19.18 -7.55
C GLU A 21 1.21 17.89 -8.28
N MET A 22 0.22 17.07 -8.02
CA MET A 22 0.07 15.75 -8.68
C MET A 22 -1.35 15.60 -9.25
N ILE A 23 -1.44 14.84 -10.33
CA ILE A 23 -2.72 14.50 -11.02
C ILE A 23 -2.71 13.02 -11.39
N ALA A 24 -3.80 12.27 -11.18
CA ALA A 24 -3.82 10.89 -11.72
C ALA A 24 -4.30 10.79 -13.17
N PHE A 25 -3.69 9.87 -13.93
CA PHE A 25 -4.16 9.50 -15.25
C PHE A 25 -4.75 8.10 -15.06
N PHE A 26 -5.83 7.83 -15.77
CA PHE A 26 -6.48 6.52 -15.76
C PHE A 26 -6.69 6.11 -17.19
N HIS A 27 -5.76 5.33 -17.70
CA HIS A 27 -5.82 4.79 -19.05
C HIS A 27 -6.58 3.44 -19.00
N PHE A 28 -7.78 3.50 -19.53
CA PHE A 28 -8.75 2.39 -19.49
C PHE A 28 -9.67 2.48 -20.69
N GLY A 29 -9.91 1.33 -21.25
CA GLY A 29 -10.82 1.23 -22.37
C GLY A 29 -10.80 -0.13 -23.03
N ILE A 30 -11.11 -0.12 -24.31
CA ILE A 30 -11.24 -1.37 -25.05
C ILE A 30 -9.86 -2.06 -25.16
N ASN A 31 -8.81 -1.28 -25.24
CA ASN A 31 -7.45 -1.87 -25.31
C ASN A 31 -7.14 -2.87 -24.18
N THR A 32 -7.72 -2.56 -23.03
CA THR A 32 -7.51 -3.28 -21.81
C THR A 32 -8.01 -4.72 -21.94
N PHE A 33 -8.94 -4.89 -22.84
CA PHE A 33 -9.64 -6.21 -23.02
C PHE A 33 -9.08 -6.97 -24.18
N GLU A 34 -8.10 -6.34 -24.81
CA GLU A 34 -7.32 -7.01 -25.86
C GLU A 34 -6.07 -7.54 -25.25
N GLU A 35 -5.38 -8.41 -25.99
CA GLU A 35 -4.14 -9.02 -25.50
CA GLU A 35 -4.13 -9.03 -25.52
C GLU A 35 -2.92 -8.17 -25.91
N TYR A 36 -2.34 -7.60 -24.89
CA TYR A 36 -1.15 -6.80 -25.03
CA TYR A 36 -1.17 -6.75 -24.95
C TYR A 36 -1.26 -5.67 -26.02
N VAL A 37 -2.28 -4.85 -25.85
CA VAL A 37 -2.50 -3.65 -26.70
C VAL A 37 -2.43 -2.35 -25.93
N ASN A 38 -1.56 -1.47 -26.42
CA ASN A 38 -1.47 -0.11 -25.92
C ASN A 38 -1.95 0.98 -26.82
N GLU A 39 -2.01 0.62 -28.07
CA GLU A 39 -2.45 1.45 -29.13
C GLU A 39 -3.37 0.61 -30.04
N GLY A 40 -4.65 0.82 -29.87
CA GLY A 40 -5.67 0.04 -30.55
C GLY A 40 -5.99 0.59 -31.93
N ASP A 41 -6.47 -0.29 -32.78
CA ASP A 41 -6.65 0.02 -34.23
C ASP A 41 -8.04 0.51 -34.62
N GLY A 42 -8.95 0.53 -33.66
CA GLY A 42 -10.33 0.92 -33.98
C GLY A 42 -11.17 -0.25 -34.53
N LYS A 43 -10.54 -1.41 -34.62
CA LYS A 43 -11.20 -2.60 -35.17
C LYS A 43 -11.68 -3.60 -34.17
N ALA A 44 -11.33 -3.41 -32.93
CA ALA A 44 -11.80 -4.31 -31.91
C ALA A 44 -13.32 -4.22 -31.82
N SER A 45 -13.92 -5.38 -31.60
CA SER A 45 -15.38 -5.47 -31.34
C SER A 45 -15.74 -4.84 -30.00
N THR A 46 -16.71 -3.95 -30.04
CA THR A 46 -17.17 -3.34 -28.79
C THR A 46 -17.60 -4.35 -27.76
N ALA A 47 -18.08 -5.51 -28.24
CA ALA A 47 -18.55 -6.58 -27.35
C ALA A 47 -17.53 -6.96 -26.26
N ILE A 48 -16.23 -6.89 -26.61
CA ILE A 48 -15.17 -7.35 -25.69
C ILE A 48 -15.03 -6.50 -24.45
N PHE A 49 -15.61 -5.31 -24.44
CA PHE A 49 -15.46 -4.43 -23.29
C PHE A 49 -16.44 -4.89 -22.22
N ASN A 50 -15.85 -5.38 -21.15
CA ASN A 50 -16.60 -6.06 -20.16
C ASN A 50 -15.92 -6.18 -18.79
N PRO A 51 -15.71 -5.05 -18.09
CA PRO A 51 -15.14 -5.13 -16.74
C PRO A 51 -16.08 -5.81 -15.78
N THR A 52 -15.51 -6.56 -14.85
CA THR A 52 -16.32 -7.50 -14.07
C THR A 52 -16.57 -7.08 -12.65
N ALA A 53 -15.85 -6.09 -12.20
CA ALA A 53 -16.02 -5.61 -10.85
C ALA A 53 -15.65 -4.14 -10.72
N LEU A 54 -16.08 -3.38 -11.70
CA LEU A 54 -15.68 -1.97 -11.85
C LEU A 54 -16.17 -1.14 -10.68
N ASP A 55 -15.24 -0.36 -10.14
CA ASP A 55 -15.54 0.51 -9.00
C ASP A 55 -14.61 1.70 -8.96
N CYS A 56 -15.12 2.74 -9.53
CA CYS A 56 -14.39 4.06 -9.58
C CYS A 56 -14.12 4.63 -8.17
N ARG A 57 -14.87 4.13 -7.20
CA ARG A 57 -14.68 4.56 -5.80
C ARG A 57 -13.35 4.00 -5.31
N GLN A 58 -13.07 2.80 -5.75
CA GLN A 58 -11.81 2.11 -5.43
C GLN A 58 -10.63 2.96 -5.96
N TRP A 59 -10.83 3.51 -7.15
CA TRP A 59 -9.81 4.33 -7.81
C TRP A 59 -9.61 5.54 -6.95
N MET A 60 -10.70 6.12 -6.44
CA MET A 60 -10.60 7.38 -5.67
C MET A 60 -9.91 7.10 -4.33
N GLN A 61 -10.09 5.93 -3.80
CA GLN A 61 -9.43 5.58 -2.49
C GLN A 61 -7.92 5.50 -2.68
N THR A 62 -7.54 5.00 -3.84
CA THR A 62 -6.12 5.00 -4.22
C THR A 62 -5.53 6.43 -4.17
N LEU A 63 -6.25 7.34 -4.78
CA LEU A 63 -5.83 8.73 -4.87
C LEU A 63 -5.84 9.41 -3.54
N LYS A 64 -6.84 9.10 -2.71
CA LYS A 64 -6.87 9.70 -1.38
C LYS A 64 -5.61 9.32 -0.61
N ALA A 65 -5.32 8.03 -0.59
CA ALA A 65 -4.17 7.53 0.16
C ALA A 65 -2.89 8.08 -0.41
N ALA A 66 -2.97 8.52 -1.64
CA ALA A 66 -1.75 8.95 -2.32
C ALA A 66 -1.56 10.42 -2.36
N GLY A 67 -2.50 11.11 -1.74
CA GLY A 67 -2.54 12.58 -1.70
C GLY A 67 -2.76 13.29 -3.01
N ILE A 68 -3.42 12.62 -3.95
CA ILE A 68 -3.65 13.15 -5.34
C ILE A 68 -5.02 13.83 -5.46
N PRO A 69 -5.06 15.13 -5.78
CA PRO A 69 -6.30 15.91 -5.67
C PRO A 69 -7.15 15.93 -6.92
N ALA A 70 -6.61 15.32 -7.98
CA ALA A 70 -7.23 15.44 -9.32
C ALA A 70 -6.91 14.21 -10.21
N ALA A 71 -7.85 13.94 -11.11
CA ALA A 71 -7.88 12.73 -11.97
C ALA A 71 -8.43 13.01 -13.35
N ILE A 72 -7.70 12.49 -14.32
CA ILE A 72 -8.01 12.50 -15.78
C ILE A 72 -8.26 11.08 -16.32
N LEU A 73 -9.47 10.88 -16.78
CA LEU A 73 -9.83 9.60 -17.44
C LEU A 73 -9.75 9.64 -18.97
N THR A 74 -9.22 8.57 -19.55
CA THR A 74 -9.32 8.41 -21.01
C THR A 74 -10.76 8.09 -21.47
N ALA A 75 -11.55 9.13 -21.70
CA ALA A 75 -12.93 8.96 -22.14
C ALA A 75 -12.94 8.34 -23.56
N LYS A 76 -11.86 8.62 -24.30
CA LYS A 76 -11.67 8.07 -25.67
C LYS A 76 -10.22 8.18 -26.06
N HIS A 77 -9.62 7.04 -26.25
CA HIS A 77 -8.22 6.97 -26.75
C HIS A 77 -8.25 6.90 -28.26
N ALA A 78 -7.06 6.83 -28.89
CA ALA A 78 -7.01 6.90 -30.35
C ALA A 78 -7.79 5.75 -31.07
N ASP A 79 -8.02 4.69 -30.35
CA ASP A 79 -8.76 3.52 -30.88
C ASP A 79 -10.21 3.95 -31.23
N GLY A 80 -10.61 5.04 -30.58
CA GLY A 80 -11.88 5.72 -30.81
C GLY A 80 -13.05 5.15 -30.00
N PHE A 81 -12.79 4.19 -29.15
CA PHE A 81 -13.86 3.58 -28.28
C PHE A 81 -14.21 4.54 -27.18
N CYS A 82 -15.49 4.93 -27.10
CA CYS A 82 -16.00 5.88 -26.11
C CYS A 82 -16.58 5.22 -24.85
N LEU A 83 -16.10 5.72 -23.71
CA LEU A 83 -16.40 5.17 -22.40
C LEU A 83 -17.76 5.63 -21.84
N TRP A 84 -18.45 6.46 -22.63
CA TRP A 84 -19.79 6.99 -22.28
C TRP A 84 -20.68 6.72 -23.53
N PRO A 85 -22.00 6.53 -23.31
CA PRO A 85 -22.97 6.27 -24.41
C PRO A 85 -23.30 7.54 -25.22
N SER A 86 -22.29 8.02 -25.94
CA SER A 86 -22.44 9.19 -26.81
C SER A 86 -23.58 8.99 -27.79
N LYS A 87 -24.26 10.08 -28.07
CA LYS A 87 -25.34 10.07 -29.10
C LYS A 87 -24.79 10.07 -30.47
N TYR A 88 -23.47 10.15 -30.60
CA TYR A 88 -22.84 10.47 -31.89
C TYR A 88 -22.01 9.37 -32.54
N THR A 89 -22.02 8.23 -31.91
CA THR A 89 -21.35 6.98 -32.36
C THR A 89 -21.98 5.77 -31.72
N ASP A 90 -21.70 4.64 -32.33
CA ASP A 90 -21.98 3.32 -31.74
C ASP A 90 -20.73 2.62 -31.19
N TYR A 91 -19.57 3.18 -31.49
CA TYR A 91 -18.28 2.60 -31.05
C TYR A 91 -18.02 3.03 -29.59
N SER A 92 -18.84 2.45 -28.72
CA SER A 92 -18.90 2.80 -27.31
C SER A 92 -19.43 1.73 -26.42
N VAL A 93 -19.51 2.12 -25.15
CA VAL A 93 -20.09 1.30 -24.10
C VAL A 93 -21.53 0.88 -24.40
N LYS A 94 -22.20 1.69 -25.20
CA LYS A 94 -23.60 1.44 -25.67
C LYS A 94 -23.72 0.04 -26.25
N ASN A 95 -22.59 -0.45 -26.79
CA ASN A 95 -22.53 -1.71 -27.53
C ASN A 95 -21.56 -2.74 -27.00
N ALA A 96 -21.21 -2.52 -25.75
CA ALA A 96 -20.41 -3.39 -24.91
C ALA A 96 -21.24 -4.52 -24.31
N ALA A 97 -20.56 -5.55 -23.90
CA ALA A 97 -21.21 -6.65 -23.16
C ALA A 97 -21.48 -6.14 -21.74
N TRP A 98 -20.64 -5.23 -21.29
CA TRP A 98 -20.68 -4.68 -19.93
C TRP A 98 -22.05 -4.10 -19.66
N LYS A 99 -22.68 -4.56 -18.62
CA LYS A 99 -23.99 -4.00 -18.23
C LYS A 99 -25.04 -4.04 -19.36
N ASN A 100 -24.88 -5.02 -20.23
CA ASN A 100 -25.77 -5.21 -21.39
C ASN A 100 -25.95 -3.95 -22.21
N GLY A 101 -24.87 -3.16 -22.25
CA GLY A 101 -24.82 -1.96 -23.06
C GLY A 101 -25.43 -0.72 -22.42
N LYS A 102 -25.73 -0.82 -21.15
CA LYS A 102 -26.43 0.21 -20.43
C LYS A 102 -25.57 0.99 -19.41
N GLY A 103 -24.27 0.84 -19.52
CA GLY A 103 -23.33 1.48 -18.59
C GLY A 103 -22.79 2.80 -19.11
N ASP A 104 -22.08 3.46 -18.22
CA ASP A 104 -21.42 4.75 -18.51
C ASP A 104 -20.27 4.92 -17.54
N VAL A 105 -19.09 4.63 -18.03
CA VAL A 105 -17.90 4.69 -17.20
C VAL A 105 -17.54 6.15 -16.83
N VAL A 106 -17.76 7.05 -17.76
CA VAL A 106 -17.51 8.49 -17.51
C VAL A 106 -18.41 8.95 -16.33
N ARG A 107 -19.67 8.56 -16.37
CA ARG A 107 -20.63 8.81 -15.28
C ARG A 107 -20.09 8.33 -13.94
N GLU A 108 -19.81 7.04 -13.84
CA GLU A 108 -19.23 6.43 -12.63
C GLU A 108 -18.02 7.19 -12.10
N PHE A 109 -17.12 7.48 -13.02
CA PHE A 109 -15.92 8.26 -12.77
C PHE A 109 -16.19 9.62 -12.13
N VAL A 110 -16.93 10.46 -12.84
CA VAL A 110 -17.24 11.80 -12.31
C VAL A 110 -18.10 11.74 -11.05
N ASP A 111 -18.89 10.68 -10.90
CA ASP A 111 -19.71 10.57 -9.66
C ASP A 111 -18.77 10.28 -8.48
N ALA A 112 -17.85 9.34 -8.67
CA ALA A 112 -16.85 9.01 -7.66
C ALA A 112 -15.97 10.23 -7.34
N CYS A 113 -15.58 10.98 -8.36
CA CYS A 113 -14.74 12.18 -8.07
C CYS A 113 -15.49 13.11 -7.15
N GLU A 114 -16.73 13.37 -7.50
CA GLU A 114 -17.60 14.28 -6.71
C GLU A 114 -17.75 13.79 -5.29
N GLU A 115 -18.01 12.50 -5.15
CA GLU A 115 -18.19 11.89 -3.86
C GLU A 115 -16.94 12.10 -3.03
N TYR A 116 -15.78 11.99 -3.65
CA TYR A 116 -14.57 12.01 -2.85
C TYR A 116 -13.95 13.38 -2.81
N GLY A 117 -14.58 14.34 -3.45
CA GLY A 117 -14.01 15.68 -3.45
C GLY A 117 -12.77 15.96 -4.29
N LEU A 118 -12.67 15.19 -5.35
CA LEU A 118 -11.54 15.21 -6.27
C LEU A 118 -11.95 15.91 -7.56
N LYS A 119 -11.00 16.59 -8.19
CA LYS A 119 -11.29 17.30 -9.42
C LYS A 119 -11.19 16.35 -10.62
N ALA A 120 -12.25 16.35 -11.42
CA ALA A 120 -12.36 15.45 -12.60
C ALA A 120 -11.80 16.11 -13.84
N GLY A 121 -11.12 15.31 -14.63
CA GLY A 121 -10.67 15.73 -15.95
C GLY A 121 -10.92 14.65 -16.97
N ILE A 122 -10.83 15.09 -18.21
CA ILE A 122 -11.12 14.31 -19.39
C ILE A 122 -10.05 14.36 -20.47
N TYR A 123 -9.64 13.17 -20.86
CA TYR A 123 -8.78 12.93 -22.05
C TYR A 123 -9.73 12.43 -23.17
N LEU A 124 -9.79 13.22 -24.21
CA LEU A 124 -10.64 12.94 -25.42
C LEU A 124 -9.77 13.07 -26.67
N GLY A 125 -9.35 11.90 -27.16
CA GLY A 125 -8.29 11.73 -28.15
C GLY A 125 -8.51 12.48 -29.44
N PRO A 126 -7.66 13.50 -29.75
CA PRO A 126 -7.89 14.14 -31.04
C PRO A 126 -7.77 13.28 -32.27
N HIS A 127 -6.70 12.51 -32.38
CA HIS A 127 -6.56 11.55 -33.47
C HIS A 127 -7.47 10.36 -33.14
N ASP A 128 -8.29 9.99 -34.11
CA ASP A 128 -9.31 8.90 -33.94
C ASP A 128 -9.20 7.90 -35.05
N ARG A 129 -8.59 6.77 -34.73
CA ARG A 129 -8.35 5.73 -35.70
C ARG A 129 -9.64 5.09 -36.21
N HIS A 130 -10.68 5.13 -35.37
CA HIS A 130 -11.92 4.42 -35.70
C HIS A 130 -12.60 5.21 -36.78
N GLU A 131 -12.61 6.51 -36.61
CA GLU A 131 -13.33 7.38 -37.51
C GLU A 131 -12.64 7.38 -38.81
N HIS A 132 -11.30 7.24 -38.72
CA HIS A 132 -10.46 7.17 -39.95
C HIS A 132 -10.73 5.96 -40.84
N LEU A 133 -11.31 4.93 -40.26
CA LEU A 133 -11.67 3.71 -41.04
C LEU A 133 -12.79 4.00 -42.03
N SER A 134 -13.60 5.03 -41.77
CA SER A 134 -14.78 5.32 -42.66
C SER A 134 -14.41 5.91 -44.02
N PRO A 135 -15.05 5.43 -45.09
CA PRO A 135 -14.72 6.03 -46.38
C PRO A 135 -15.15 7.46 -46.49
N LEU A 136 -16.00 7.88 -45.57
CA LEU A 136 -16.51 9.26 -45.55
C LEU A 136 -15.67 10.26 -44.75
N TYR A 137 -14.64 9.78 -44.10
CA TYR A 137 -13.90 10.59 -43.15
C TYR A 137 -13.38 11.84 -43.86
N THR A 138 -13.64 12.97 -43.24
CA THR A 138 -12.95 14.23 -43.56
C THR A 138 -12.66 15.03 -42.30
N THR A 139 -11.72 15.95 -42.42
CA THR A 139 -11.28 16.72 -41.24
C THR A 139 -12.45 17.56 -40.78
N GLU A 140 -13.16 18.14 -41.73
CA GLU A 140 -14.26 19.05 -41.41
C GLU A 140 -15.37 18.28 -40.68
N ARG A 141 -15.54 17.05 -41.12
CA ARG A 141 -16.60 16.19 -40.58
C ARG A 141 -16.22 15.77 -39.15
N TYR A 142 -14.96 15.45 -39.02
CA TYR A 142 -14.46 14.92 -37.77
C TYR A 142 -14.49 16.06 -36.75
N LYS A 143 -14.19 17.25 -37.25
CA LYS A 143 -14.23 18.46 -36.41
C LYS A 143 -15.60 18.56 -35.78
N GLU A 144 -16.65 18.38 -36.57
CA GLU A 144 -18.01 18.46 -35.98
C GLU A 144 -18.32 17.31 -35.01
N TYR A 145 -17.87 16.10 -35.36
CA TYR A 145 -18.10 14.90 -34.51
C TYR A 145 -17.49 15.13 -33.12
N TYR A 146 -16.24 15.49 -33.17
CA TYR A 146 -15.48 15.75 -31.94
C TYR A 146 -16.17 16.84 -31.12
N ALA A 147 -16.61 17.89 -31.81
CA ALA A 147 -17.28 19.02 -31.14
C ALA A 147 -18.54 18.58 -30.45
N HIS A 148 -19.25 17.65 -31.08
CA HIS A 148 -20.48 17.14 -30.50
C HIS A 148 -20.17 16.44 -29.20
N GLN A 149 -19.17 15.59 -29.25
CA GLN A 149 -18.77 14.78 -28.09
C GLN A 149 -18.25 15.63 -26.94
N LEU A 150 -17.48 16.64 -27.34
CA LEU A 150 -16.94 17.63 -26.42
C LEU A 150 -18.09 18.31 -25.70
N GLY A 151 -19.11 18.66 -26.44
CA GLY A 151 -20.31 19.24 -25.87
C GLY A 151 -21.03 18.38 -24.85
N GLU A 152 -21.09 17.09 -25.13
CA GLU A 152 -21.65 16.17 -24.18
C GLU A 152 -20.80 16.18 -22.91
N LEU A 153 -19.49 16.04 -23.07
CA LEU A 153 -18.60 15.81 -21.91
C LEU A 153 -18.40 17.06 -21.07
N MET A 154 -18.56 18.19 -21.73
CA MET A 154 -18.35 19.53 -21.07
C MET A 154 -19.64 20.12 -20.50
N SER A 155 -20.75 19.44 -20.82
CA SER A 155 -22.08 19.87 -20.43
C SER A 155 -22.75 19.00 -19.37
N ASP A 156 -22.61 17.70 -19.47
CA ASP A 156 -23.54 16.82 -18.78
C ASP A 156 -22.89 15.99 -17.66
N TYR A 157 -21.62 16.27 -17.43
CA TYR A 157 -20.81 15.44 -16.53
C TYR A 157 -20.14 16.18 -15.39
N GLY A 158 -20.75 17.30 -15.02
CA GLY A 158 -20.27 18.07 -13.88
C GLY A 158 -19.07 18.96 -14.19
N LYS A 159 -18.40 19.46 -13.18
CA LYS A 159 -17.32 20.48 -13.40
C LYS A 159 -16.10 19.73 -13.87
N ILE A 160 -15.49 20.24 -14.92
CA ILE A 160 -14.33 19.61 -15.55
C ILE A 160 -13.13 20.57 -15.37
N TRP A 161 -12.04 20.04 -14.78
CA TRP A 161 -10.87 20.86 -14.42
C TRP A 161 -9.64 20.71 -15.32
N GLU A 162 -9.68 19.70 -16.17
CA GLU A 162 -8.66 19.54 -17.24
C GLU A 162 -9.22 18.82 -18.43
N THR A 163 -8.87 19.34 -19.60
CA THR A 163 -9.12 18.64 -20.89
C THR A 163 -7.77 18.42 -21.52
N TRP A 164 -7.52 17.18 -21.92
CA TRP A 164 -6.20 16.76 -22.42
C TRP A 164 -6.27 16.43 -23.90
N TRP A 165 -5.41 17.09 -24.66
CA TRP A 165 -5.32 16.86 -26.11
C TRP A 165 -3.96 16.26 -26.44
N ASP A 166 -3.95 14.94 -26.60
CA ASP A 166 -2.73 14.20 -26.98
C ASP A 166 -2.33 14.60 -28.37
N GLY A 167 -1.05 14.81 -28.57
CA GLY A 167 -0.54 15.17 -29.90
C GLY A 167 -0.25 13.99 -30.84
N ALA A 168 -0.19 12.81 -30.27
CA ALA A 168 0.13 11.60 -31.07
C ALA A 168 -0.86 11.45 -32.22
N GLY A 169 -0.30 11.38 -33.39
CA GLY A 169 -1.03 11.31 -34.65
C GLY A 169 -1.93 12.44 -35.07
N ALA A 170 -1.82 13.58 -34.40
CA ALA A 170 -2.75 14.71 -34.58
C ALA A 170 -2.33 15.76 -35.61
N ASP A 171 -1.42 15.38 -36.46
CA ASP A 171 -0.76 16.36 -37.35
C ASP A 171 -1.67 16.93 -38.42
N GLU A 172 -2.73 16.21 -38.75
CA GLU A 172 -3.68 16.65 -39.78
C GLU A 172 -4.62 17.71 -39.22
N LEU A 173 -4.69 17.76 -37.90
CA LEU A 173 -5.63 18.66 -37.23
C LEU A 173 -5.05 20.09 -37.19
N THR A 174 -5.80 21.03 -37.74
CA THR A 174 -5.33 22.39 -37.92
C THR A 174 -5.74 23.28 -36.80
N THR A 175 -5.11 24.46 -36.76
CA THR A 175 -5.37 25.37 -35.64
C THR A 175 -6.84 25.76 -35.55
N PRO A 176 -7.47 26.06 -36.69
CA PRO A 176 -8.88 26.47 -36.63
C PRO A 176 -9.85 25.38 -36.13
N VAL A 177 -9.49 24.15 -36.36
CA VAL A 177 -10.21 22.99 -35.77
C VAL A 177 -10.17 23.01 -34.22
N TYR A 178 -8.98 23.12 -33.70
CA TYR A 178 -8.79 23.21 -32.24
C TYR A 178 -9.50 24.47 -31.69
N ARG A 179 -9.59 25.53 -32.51
CA ARG A 179 -10.30 26.76 -32.04
C ARG A 179 -11.75 26.46 -31.71
N HIS A 180 -12.38 25.85 -32.69
CA HIS A 180 -13.77 25.41 -32.59
C HIS A 180 -13.96 24.65 -31.27
N TRP A 181 -13.03 23.75 -31.00
CA TRP A 181 -13.07 22.96 -29.75
C TRP A 181 -12.80 23.75 -28.47
N TYR A 182 -11.81 24.58 -28.55
CA TYR A 182 -11.42 25.47 -27.43
C TYR A 182 -12.57 26.37 -26.96
N LYS A 183 -13.33 26.89 -27.92
CA LYS A 183 -14.46 27.78 -27.60
C LYS A 183 -15.51 27.04 -26.77
N ILE A 184 -15.67 25.77 -27.09
CA ILE A 184 -16.61 24.93 -26.32
C ILE A 184 -16.14 24.76 -24.92
N VAL A 185 -14.91 24.32 -24.79
CA VAL A 185 -14.31 24.12 -23.44
C VAL A 185 -14.43 25.38 -22.57
N ARG A 186 -14.02 26.47 -23.17
CA ARG A 186 -13.82 27.74 -22.44
C ARG A 186 -15.20 28.27 -22.00
N GLU A 187 -16.17 28.15 -22.88
CA GLU A 187 -17.53 28.60 -22.58
C GLU A 187 -18.22 27.78 -21.51
N LYS A 188 -18.10 26.47 -21.63
CA LYS A 188 -18.86 25.61 -20.76
C LYS A 188 -18.18 25.35 -19.44
N GLN A 189 -16.86 25.41 -19.47
CA GLN A 189 -15.98 25.05 -18.34
C GLN A 189 -14.88 26.09 -18.11
N PRO A 190 -15.22 27.26 -17.59
CA PRO A 190 -14.23 28.31 -17.61
C PRO A 190 -12.98 28.04 -16.73
N ASP A 191 -13.07 27.09 -15.84
CA ASP A 191 -11.92 26.79 -14.97
C ASP A 191 -11.08 25.63 -15.52
N CYS A 192 -11.48 25.18 -16.69
CA CYS A 192 -10.84 23.99 -17.28
C CYS A 192 -9.50 24.33 -17.94
N VAL A 193 -8.49 23.67 -17.44
CA VAL A 193 -7.10 23.78 -17.93
C VAL A 193 -6.96 22.89 -19.14
N ILE A 194 -6.42 23.45 -20.19
CA ILE A 194 -6.15 22.70 -21.42
C ILE A 194 -4.68 22.30 -21.60
N PHE A 195 -4.45 20.98 -21.64
CA PHE A 195 -3.12 20.42 -22.02
C PHE A 195 -3.18 20.36 -23.53
N GLY A 196 -2.35 21.20 -24.17
CA GLY A 196 -2.38 21.33 -25.63
C GLY A 196 -1.05 21.05 -26.28
N THR A 197 -1.15 20.41 -27.42
CA THR A 197 0.01 20.01 -28.19
C THR A 197 -0.18 20.45 -29.64
N LYS A 198 0.94 20.56 -30.29
CA LYS A 198 0.98 20.81 -31.73
C LYS A 198 0.12 21.99 -32.13
N ASN A 199 -0.86 21.78 -33.03
CA ASN A 199 -1.57 22.92 -33.60
C ASN A 199 -2.57 23.61 -32.69
N SER A 200 -2.69 23.09 -31.47
CA SER A 200 -3.54 23.71 -30.42
C SER A 200 -2.81 24.75 -29.61
N TYR A 201 -1.56 24.99 -30.00
CA TYR A 201 -0.62 25.82 -29.21
C TYR A 201 -1.16 27.17 -28.71
N PRO A 202 -2.06 27.83 -29.45
CA PRO A 202 -2.53 29.10 -28.91
C PRO A 202 -3.56 28.98 -27.83
N PHE A 203 -4.02 27.76 -27.61
CA PHE A 203 -5.10 27.51 -26.68
C PHE A 203 -4.64 26.78 -25.41
N ALA A 204 -3.41 26.33 -25.44
CA ALA A 204 -2.87 25.54 -24.35
C ALA A 204 -2.69 26.39 -23.11
N ASP A 205 -3.05 25.83 -21.98
CA ASP A 205 -2.76 26.38 -20.66
C ASP A 205 -1.45 25.80 -20.15
N VAL A 206 -1.27 24.54 -20.47
CA VAL A 206 -0.04 23.79 -20.09
C VAL A 206 0.48 23.01 -21.28
N ARG A 207 1.78 22.74 -21.23
CA ARG A 207 2.45 22.05 -22.32
C ARG A 207 3.01 20.71 -21.93
N TRP A 208 3.33 19.94 -22.97
CA TRP A 208 4.19 18.78 -22.84
C TRP A 208 5.67 19.15 -22.63
N MET A 209 6.44 18.21 -22.09
CA MET A 209 7.82 18.48 -21.77
C MET A 209 8.80 17.57 -22.46
N GLY A 210 8.32 16.91 -23.48
CA GLY A 210 9.11 16.19 -24.44
C GLY A 210 9.56 14.75 -24.19
N ASN A 211 9.29 14.20 -23.02
CA ASN A 211 9.47 12.75 -22.75
C ASN A 211 8.40 12.15 -21.83
N GLU A 212 8.36 10.82 -21.76
CA GLU A 212 7.35 10.16 -20.92
C GLU A 212 8.06 9.41 -19.86
N ALA A 213 9.22 9.97 -19.48
CA ALA A 213 10.08 9.30 -18.50
C ALA A 213 9.97 9.90 -17.11
N GLY A 214 9.26 11.03 -17.07
CA GLY A 214 8.96 11.75 -15.85
C GLY A 214 10.04 12.74 -15.44
N GLU A 215 10.79 13.17 -16.45
CA GLU A 215 11.93 14.06 -16.26
CA GLU A 215 11.93 14.08 -16.24
C GLU A 215 11.77 15.39 -16.97
N ALA A 216 11.30 16.38 -16.24
CA ALA A 216 11.32 17.75 -16.74
C ALA A 216 12.80 18.26 -16.71
N GLY A 217 13.10 19.33 -17.43
CA GLY A 217 14.44 19.84 -17.52
C GLY A 217 14.95 20.52 -16.27
N ASP A 218 16.27 20.71 -16.27
CA ASP A 218 16.90 21.58 -15.25
C ASP A 218 17.77 22.56 -16.03
N PRO A 219 17.33 23.81 -16.16
CA PRO A 219 16.13 24.37 -15.59
C PRO A 219 14.90 23.97 -16.38
N CYS A 220 13.77 24.28 -15.77
CA CYS A 220 12.50 24.17 -16.44
C CYS A 220 11.71 25.45 -16.16
N TRP A 221 11.64 26.31 -17.15
CA TRP A 221 10.87 27.57 -17.05
C TRP A 221 9.42 27.33 -17.40
N ALA A 222 8.55 28.16 -16.81
CA ALA A 222 7.13 28.03 -17.07
C ALA A 222 6.80 28.61 -18.41
N THR A 223 7.68 29.52 -18.84
CA THR A 223 7.63 30.17 -20.15
C THR A 223 8.41 29.40 -21.21
N THR A 224 7.92 29.55 -22.43
CA THR A 224 8.58 29.06 -23.63
C THR A 224 7.96 29.72 -24.84
N ASP A 225 8.53 29.47 -25.99
CA ASP A 225 7.99 30.03 -27.25
C ASP A 225 6.87 29.11 -27.71
N SER A 226 5.77 29.69 -28.18
CA SER A 226 4.62 28.85 -28.52
C SER A 226 4.91 27.95 -29.71
N VAL A 227 5.94 28.30 -30.46
CA VAL A 227 6.37 27.50 -31.64
C VAL A 227 6.92 26.14 -31.22
N ALA A 228 7.38 26.08 -29.99
CA ALA A 228 7.93 24.84 -29.47
C ALA A 228 6.82 23.83 -29.36
N ILE A 229 5.65 24.27 -28.94
CA ILE A 229 4.53 23.38 -28.80
C ILE A 229 4.12 22.89 -30.18
N ARG A 230 4.07 23.86 -31.07
CA ARG A 230 3.61 23.64 -32.44
C ARG A 230 4.47 22.61 -33.15
N ASP A 231 5.76 22.87 -33.13
CA ASP A 231 6.78 22.01 -33.76
C ASP A 231 7.46 21.06 -32.79
N GLU A 232 6.62 20.49 -31.95
CA GLU A 232 6.99 19.52 -30.90
C GLU A 232 8.34 18.77 -31.12
N ALA A 233 8.35 17.94 -32.14
CA ALA A 233 9.43 16.98 -32.30
C ALA A 233 10.80 17.61 -32.56
N GLN A 234 10.77 18.88 -32.91
CA GLN A 234 12.00 19.56 -33.29
C GLN A 234 12.47 20.57 -32.22
N TYR A 235 11.75 20.58 -31.10
CA TYR A 235 12.09 21.51 -29.96
C TYR A 235 12.03 20.81 -28.60
N TYR A 236 12.78 19.75 -28.47
CA TYR A 236 12.87 19.02 -27.19
C TYR A 236 13.22 19.98 -26.08
N LYS A 237 14.27 20.76 -26.31
CA LYS A 237 14.78 21.61 -25.23
C LYS A 237 13.76 22.68 -24.88
N GLY A 238 13.20 23.26 -25.91
CA GLY A 238 12.15 24.27 -25.75
C GLY A 238 10.97 23.80 -24.94
N LEU A 239 10.69 22.50 -25.03
CA LEU A 239 9.59 21.92 -24.29
C LEU A 239 10.05 21.50 -22.92
N ASN A 240 11.17 20.82 -22.87
CA ASN A 240 11.64 20.19 -21.65
C ASN A 240 12.19 21.24 -20.62
N GLU A 241 12.91 22.22 -21.14
CA GLU A 241 13.53 23.30 -20.32
C GLU A 241 12.77 24.60 -20.35
N GLY A 242 12.08 24.81 -21.45
CA GLY A 242 11.38 26.02 -21.68
C GLY A 242 12.45 27.06 -22.01
N MET A 243 12.04 28.31 -22.01
CA MET A 243 12.95 29.44 -22.26
C MET A 243 12.65 30.62 -21.33
N LEU A 244 13.69 31.19 -20.73
CA LEU A 244 13.50 32.36 -19.85
C LEU A 244 12.87 33.50 -20.64
N ASP A 245 13.30 33.60 -21.89
CA ASP A 245 12.83 34.66 -22.84
C ASP A 245 11.67 34.17 -23.72
N GLY A 246 11.07 33.07 -23.29
CA GLY A 246 9.85 32.55 -24.02
C GLY A 246 8.72 33.55 -24.13
N ASP A 247 8.05 33.47 -25.26
CA ASP A 247 6.96 34.40 -25.61
C ASP A 247 5.59 34.10 -25.00
N ALA A 248 5.51 32.98 -24.31
CA ALA A 248 4.29 32.49 -23.70
C ALA A 248 4.49 31.85 -22.37
N TYR A 249 3.51 32.01 -21.51
CA TYR A 249 3.52 31.38 -20.16
C TYR A 249 2.61 30.18 -20.25
N ILE A 250 3.26 29.04 -20.42
CA ILE A 250 2.57 27.73 -20.61
C ILE A 250 3.43 26.70 -19.94
N PRO A 251 3.20 26.49 -18.64
CA PRO A 251 4.09 25.66 -17.90
C PRO A 251 4.02 24.18 -18.31
N ALA A 252 5.10 23.49 -18.05
CA ALA A 252 5.22 22.05 -18.35
C ALA A 252 4.41 21.16 -17.42
N GLU A 253 3.72 20.22 -18.06
CA GLU A 253 3.09 19.09 -17.33
C GLU A 253 3.79 17.75 -17.66
N THR A 254 4.28 17.07 -16.63
CA THR A 254 5.11 15.90 -16.79
C THR A 254 4.30 14.64 -16.60
N ASP A 255 4.18 13.89 -17.66
CA ASP A 255 3.34 12.64 -17.68
C ASP A 255 4.14 11.39 -17.73
N VAL A 256 3.72 10.39 -16.93
CA VAL A 256 4.43 9.13 -16.88
C VAL A 256 3.51 8.04 -16.32
N SER A 257 3.74 6.86 -16.78
CA SER A 257 3.07 5.70 -16.24
C SER A 257 3.80 5.08 -15.04
N ILE A 258 2.99 4.60 -14.12
CA ILE A 258 3.53 3.87 -12.96
C ILE A 258 4.06 2.47 -13.40
N ARG A 259 3.73 2.09 -14.62
CA ARG A 259 4.18 0.82 -15.23
C ARG A 259 4.94 1.08 -16.54
N PRO A 260 5.50 0.03 -17.16
CA PRO A 260 6.19 0.24 -18.43
C PRO A 260 5.23 0.69 -19.54
N SER A 261 3.98 0.24 -19.44
CA SER A 261 2.97 0.59 -20.46
C SER A 261 1.90 1.50 -19.87
N TRP A 262 1.10 2.08 -20.75
CA TRP A 262 0.03 3.02 -20.32
C TRP A 262 -1.28 2.28 -19.97
N PHE A 263 -1.55 1.23 -20.70
CA PHE A 263 -2.71 0.39 -20.43
C PHE A 263 -2.29 -0.80 -19.58
N TYR A 264 -3.28 -1.42 -18.94
CA TYR A 264 -3.02 -2.57 -18.03
C TYR A 264 -2.68 -3.88 -18.71
N HIS A 265 -1.58 -4.48 -18.23
CA HIS A 265 -1.21 -5.86 -18.58
C HIS A 265 -0.78 -6.58 -17.32
N ALA A 266 -1.38 -7.73 -17.10
CA ALA A 266 -1.10 -8.54 -15.91
C ALA A 266 0.36 -8.83 -15.73
N GLU A 267 1.03 -8.95 -16.86
CA GLU A 267 2.45 -9.30 -16.82
C GLU A 267 3.30 -8.17 -16.29
N GLU A 268 2.73 -6.99 -16.17
CA GLU A 268 3.51 -5.88 -15.66
C GLU A 268 3.24 -5.65 -14.19
N ASP A 269 2.47 -6.54 -13.59
CA ASP A 269 2.17 -6.42 -12.15
C ASP A 269 3.50 -6.45 -11.42
N SER A 270 4.46 -7.19 -11.93
CA SER A 270 5.74 -7.32 -11.22
C SER A 270 6.72 -6.24 -11.62
N ARG A 271 6.25 -5.27 -12.40
CA ARG A 271 7.13 -4.24 -13.00
C ARG A 271 6.68 -2.82 -12.69
N VAL A 272 5.89 -2.67 -11.66
CA VAL A 272 5.49 -1.35 -11.19
C VAL A 272 6.71 -0.59 -10.66
N LYS A 273 6.77 0.67 -10.98
CA LYS A 273 7.88 1.49 -10.53
C LYS A 273 7.97 1.44 -9.02
N SER A 274 9.21 1.43 -8.56
CA SER A 274 9.47 1.35 -7.13
C SER A 274 9.20 2.71 -6.51
N VAL A 275 9.02 2.74 -5.20
CA VAL A 275 8.81 3.98 -4.46
C VAL A 275 9.97 4.95 -4.68
N ARG A 276 11.18 4.41 -4.63
CA ARG A 276 12.40 5.18 -4.91
C ARG A 276 12.40 5.81 -6.30
N GLU A 277 11.98 5.03 -7.28
CA GLU A 277 11.82 5.51 -8.68
C GLU A 277 10.81 6.66 -8.75
N LEU A 278 9.70 6.50 -8.01
CA LEU A 278 8.64 7.53 -8.04
C LEU A 278 9.07 8.82 -7.32
N TRP A 279 9.89 8.63 -6.28
CA TRP A 279 10.45 9.74 -5.54
C TRP A 279 11.38 10.53 -6.47
N ASP A 280 12.15 9.80 -7.26
CA ASP A 280 13.03 10.43 -8.23
C ASP A 280 12.19 11.26 -9.20
N ILE A 281 11.18 10.60 -9.72
CA ILE A 281 10.27 11.27 -10.65
C ILE A 281 9.58 12.48 -10.07
N TYR A 282 9.08 12.32 -8.85
CA TYR A 282 8.47 13.42 -8.12
C TYR A 282 9.45 14.61 -8.12
N CYS A 283 10.71 14.31 -7.85
CA CYS A 283 11.72 15.38 -7.68
C CYS A 283 12.08 16.05 -9.00
N THR A 284 11.91 15.31 -10.06
CA THR A 284 12.19 15.80 -11.42
C THR A 284 10.96 16.24 -12.17
N SER A 285 9.89 16.45 -11.41
CA SER A 285 8.64 17.03 -11.93
C SER A 285 8.11 18.09 -11.02
N VAL A 286 7.47 17.65 -9.97
CA VAL A 286 7.02 18.56 -8.95
C VAL A 286 8.23 19.42 -8.44
N GLY A 287 9.40 18.81 -8.33
CA GLY A 287 10.58 19.50 -7.81
C GLY A 287 11.41 20.21 -8.88
N ARG A 288 10.87 20.33 -10.10
CA ARG A 288 11.43 21.12 -11.17
C ARG A 288 10.38 21.96 -11.86
N ASN A 289 9.59 22.65 -11.06
CA ASN A 289 8.72 23.69 -11.54
C ASN A 289 7.64 23.20 -12.51
N SER A 290 7.18 21.98 -12.25
CA SER A 290 6.22 21.29 -13.06
C SER A 290 5.16 20.61 -12.17
N VAL A 291 4.36 19.76 -12.81
CA VAL A 291 3.28 19.02 -12.12
C VAL A 291 3.37 17.59 -12.64
N LEU A 292 3.13 16.64 -11.75
CA LEU A 292 3.24 15.20 -12.08
C LEU A 292 1.89 14.55 -12.34
N LEU A 293 1.75 14.06 -13.55
CA LEU A 293 0.56 13.34 -14.04
C LEU A 293 1.00 11.89 -14.15
N LEU A 294 0.54 11.12 -13.18
CA LEU A 294 0.91 9.73 -13.02
C LEU A 294 -0.24 8.82 -13.34
N ASN A 295 0.05 7.91 -14.26
CA ASN A 295 -0.93 6.92 -14.76
C ASN A 295 -0.99 5.62 -13.98
N PHE A 296 -2.23 5.33 -13.53
CA PHE A 296 -2.63 4.05 -12.93
C PHE A 296 -3.64 3.40 -13.90
N PRO A 297 -3.25 2.30 -14.60
CA PRO A 297 -4.21 1.64 -15.52
C PRO A 297 -5.09 0.57 -14.85
N PRO A 298 -6.42 0.78 -14.80
CA PRO A 298 -7.30 -0.25 -14.24
C PRO A 298 -7.24 -1.54 -15.06
N ASP A 299 -7.46 -2.62 -14.35
CA ASP A 299 -7.46 -3.93 -14.94
C ASP A 299 -8.81 -4.34 -15.55
N ARG A 300 -8.89 -5.60 -15.92
CA ARG A 300 -10.08 -6.07 -16.59
C ARG A 300 -11.24 -6.19 -15.61
N ARG A 301 -10.95 -6.21 -14.32
CA ARG A 301 -12.01 -6.11 -13.31
C ARG A 301 -12.54 -4.71 -13.20
N GLY A 302 -11.73 -3.78 -13.69
CA GLY A 302 -12.00 -2.36 -13.54
C GLY A 302 -11.49 -1.78 -12.22
N LEU A 303 -10.38 -2.34 -11.79
CA LEU A 303 -9.70 -1.98 -10.52
C LEU A 303 -8.26 -1.62 -10.65
N ILE A 304 -7.81 -0.73 -9.76
CA ILE A 304 -6.40 -0.36 -9.71
C ILE A 304 -5.72 -1.46 -8.95
N HIS A 305 -4.60 -1.94 -9.49
CA HIS A 305 -3.79 -2.98 -8.86
C HIS A 305 -3.20 -2.52 -7.51
N SER A 306 -3.12 -3.49 -6.64
CA SER A 306 -2.56 -3.28 -5.31
C SER A 306 -1.19 -2.68 -5.25
N THR A 307 -0.31 -3.19 -6.09
CA THR A 307 1.08 -2.68 -6.05
C THR A 307 1.11 -1.20 -6.41
N ASP A 308 0.38 -0.86 -7.43
CA ASP A 308 0.33 0.50 -7.94
C ASP A 308 -0.11 1.40 -6.80
N SER A 309 -1.16 0.95 -6.16
CA SER A 309 -1.77 1.69 -5.05
C SER A 309 -0.81 1.84 -3.85
N LEU A 310 -0.10 0.76 -3.58
CA LEU A 310 0.84 0.69 -2.45
C LEU A 310 1.98 1.71 -2.62
N HIS A 311 2.61 1.63 -3.77
CA HIS A 311 3.76 2.47 -4.08
C HIS A 311 3.47 3.96 -4.06
N ALA A 312 2.32 4.33 -4.64
CA ALA A 312 1.75 5.66 -4.55
C ALA A 312 1.46 6.11 -3.12
N ALA A 313 0.90 5.19 -2.34
CA ALA A 313 0.63 5.51 -0.91
C ALA A 313 1.94 5.74 -0.11
N LEU A 314 2.93 4.89 -0.36
CA LEU A 314 4.24 5.00 0.30
C LEU A 314 4.96 6.29 -0.14
N LEU A 315 4.88 6.62 -1.43
CA LEU A 315 5.47 7.89 -1.88
C LEU A 315 4.88 9.05 -1.08
N LYS A 316 3.60 8.99 -0.83
CA LYS A 316 2.91 10.12 -0.13
C LYS A 316 3.44 10.24 1.31
N GLN A 317 3.52 9.07 1.93
CA GLN A 317 4.07 8.99 3.30
CA GLN A 317 4.08 8.93 3.30
C GLN A 317 5.49 9.51 3.34
N GLY A 318 6.26 9.10 2.38
CA GLY A 318 7.63 9.56 2.24
C GLY A 318 7.75 11.06 2.07
N ILE A 319 6.91 11.62 1.22
CA ILE A 319 6.95 13.01 0.93
C ILE A 319 6.57 13.74 2.23
N ASP A 320 5.50 13.25 2.86
CA ASP A 320 4.99 13.90 4.06
C ASP A 320 6.03 13.94 5.15
N GLU A 321 6.67 12.80 5.39
CA GLU A 321 7.70 12.74 6.43
C GLU A 321 8.86 13.64 6.11
N THR A 322 9.26 13.65 4.86
CA THR A 322 10.43 14.41 4.45
C THR A 322 10.26 15.90 4.73
N PHE A 323 9.13 16.48 4.30
CA PHE A 323 8.90 17.93 4.32
C PHE A 323 8.13 18.43 5.57
N SER A 324 7.90 17.54 6.49
CA SER A 324 7.15 17.86 7.71
C SER A 324 7.98 18.80 8.59
N THR A 325 9.27 18.64 8.57
CA THR A 325 10.11 19.43 9.46
C THR A 325 11.19 20.20 8.72
N ASN A 326 10.94 21.47 8.54
CA ASN A 326 11.97 22.38 8.03
C ASN A 326 13.01 22.59 9.13
N LEU A 327 14.18 22.01 8.91
CA LEU A 327 15.27 21.99 9.90
C LEU A 327 15.83 23.37 10.14
N LEU A 328 15.44 24.31 9.29
CA LEU A 328 15.90 25.68 9.49
C LEU A 328 15.04 26.37 10.51
N ARG A 329 13.89 25.80 10.86
CA ARG A 329 13.00 26.55 11.72
C ARG A 329 13.67 26.81 13.06
N GLY A 330 13.49 28.01 13.54
CA GLY A 330 14.06 28.35 14.83
C GLY A 330 15.33 29.12 14.67
N ALA A 331 15.82 29.14 13.43
CA ALA A 331 17.08 29.84 13.10
C ALA A 331 17.04 31.32 13.40
N LYS A 332 18.23 31.87 13.63
CA LYS A 332 18.40 33.31 13.65
C LYS A 332 18.77 33.66 12.23
N VAL A 333 18.09 34.66 11.68
CA VAL A 333 18.25 34.97 10.24
C VAL A 333 18.80 36.37 10.01
N LYS A 334 19.86 36.47 9.24
CA LYS A 334 20.38 37.76 8.75
C LYS A 334 20.42 37.75 7.21
N ALA A 335 19.89 38.81 6.60
CA ALA A 335 19.91 38.95 5.17
C ALA A 335 20.40 40.31 4.70
N THR A 336 21.00 40.32 3.53
CA THR A 336 21.13 41.54 2.72
C THR A 336 19.86 41.70 1.89
N ASN A 337 19.60 42.92 1.50
CA ASN A 337 18.54 43.27 0.58
C ASN A 337 17.15 42.88 1.05
N VAL A 338 16.73 43.44 2.18
CA VAL A 338 15.42 43.14 2.74
C VAL A 338 14.50 44.30 2.43
N ARG A 339 13.39 43.98 1.80
CA ARG A 339 12.47 45.05 1.39
C ARG A 339 11.83 45.79 2.59
N GLY A 340 11.54 45.05 3.64
CA GLY A 340 10.73 45.54 4.74
C GLY A 340 10.34 44.47 5.71
N ALA A 341 9.84 44.88 6.86
CA ALA A 341 9.49 43.91 7.91
C ALA A 341 8.39 42.96 7.41
N LYS A 342 7.51 43.51 6.62
CA LYS A 342 6.44 42.71 5.99
C LYS A 342 7.00 41.57 5.14
N TYR A 343 8.24 41.78 4.72
CA TYR A 343 8.96 40.93 3.75
C TYR A 343 10.25 40.37 4.27
N SER A 344 10.37 40.27 5.58
CA SER A 344 11.62 39.80 6.19
C SER A 344 11.95 38.39 5.78
N PRO A 345 13.23 38.01 5.86
CA PRO A 345 13.64 36.67 5.46
C PRO A 345 13.06 35.61 6.33
N GLU A 346 12.61 36.01 7.50
CA GLU A 346 11.96 35.06 8.41
C GLU A 346 10.67 34.49 7.80
N LYS A 347 10.10 35.22 6.86
CA LYS A 347 8.88 34.75 6.19
C LYS A 347 9.07 33.39 5.48
N MET A 348 10.28 33.11 5.02
CA MET A 348 10.58 31.90 4.23
C MET A 348 10.39 30.64 5.07
N LEU A 349 10.23 30.91 6.36
CA LEU A 349 10.31 29.88 7.41
C LEU A 349 9.04 29.66 8.16
N ASP A 350 8.06 30.49 7.86
CA ASP A 350 6.86 30.61 8.66
C ASP A 350 5.70 29.71 8.28
N ASN A 351 5.91 28.90 7.27
CA ASN A 351 4.84 27.98 6.86
C ASN A 351 3.51 28.65 6.52
N GLU A 352 3.54 29.94 6.26
CA GLU A 352 2.31 30.63 5.81
C GLU A 352 2.26 30.53 4.31
N LYS A 353 1.05 30.40 3.79
CA LYS A 353 0.86 30.25 2.33
C LYS A 353 1.26 31.54 1.60
N ASN A 354 0.78 32.65 2.13
CA ASN A 354 0.80 33.95 1.42
C ASN A 354 1.99 34.89 1.66
N THR A 355 2.75 34.64 2.71
CA THR A 355 3.89 35.52 3.01
C THR A 355 5.15 35.12 2.23
N TYR A 356 6.02 36.09 2.08
CA TYR A 356 7.32 35.87 1.45
C TYR A 356 8.37 36.88 1.82
N PHE A 357 9.62 36.43 1.76
CA PHE A 357 10.79 37.29 1.67
C PHE A 357 10.84 38.05 0.34
N ALA A 358 11.22 39.33 0.39
CA ALA A 358 11.51 40.07 -0.85
C ALA A 358 12.62 41.07 -0.65
N GLY A 359 13.25 41.34 -1.76
CA GLY A 359 14.27 42.35 -1.93
C GLY A 359 13.74 43.68 -2.40
N LYS A 360 14.64 44.63 -2.42
CA LYS A 360 14.33 46.00 -2.81
C LYS A 360 14.28 46.11 -4.34
N ASP A 361 13.43 47.01 -4.81
CA ASP A 361 13.28 47.26 -6.24
C ASP A 361 14.64 47.47 -6.87
N GLY A 362 14.88 46.65 -7.88
CA GLY A 362 16.06 46.78 -8.76
C GLY A 362 17.29 46.07 -8.27
N GLU A 363 17.20 45.56 -7.06
CA GLU A 363 18.30 44.79 -6.55
C GLU A 363 17.93 43.28 -6.58
N VAL A 364 18.62 42.56 -7.46
CA VAL A 364 18.29 41.18 -7.81
C VAL A 364 19.04 40.16 -6.97
N LYS A 365 20.06 40.65 -6.28
CA LYS A 365 20.91 39.81 -5.39
C LYS A 365 20.53 39.92 -3.92
N ALA A 366 20.65 38.78 -3.25
CA ALA A 366 20.55 38.67 -1.78
C ALA A 366 21.27 37.49 -1.20
N ASP A 367 21.77 37.71 0.01
CA ASP A 367 22.43 36.67 0.78
C ASP A 367 21.74 36.58 2.12
N ILE A 368 21.30 35.37 2.44
CA ILE A 368 20.58 35.02 3.66
C ILE A 368 21.27 33.90 4.43
N ILE A 369 21.53 34.20 5.70
CA ILE A 369 22.29 33.29 6.55
C ILE A 369 21.40 32.87 7.68
N PHE A 370 21.29 31.57 7.82
CA PHE A 370 20.48 30.96 8.84
C PHE A 370 21.43 30.38 9.83
N THR A 371 21.37 30.90 11.05
CA THR A 371 22.21 30.41 12.16
C THR A 371 21.37 29.57 13.11
N LEU A 372 21.73 28.31 13.16
CA LEU A 372 20.96 27.31 13.87
C LEU A 372 21.48 27.13 15.28
N PRO A 373 20.57 27.06 16.25
CA PRO A 373 21.01 26.93 17.65
C PRO A 373 21.84 25.69 17.89
N LYS A 374 21.47 24.62 17.23
CA LYS A 374 22.26 23.39 17.28
C LYS A 374 22.53 22.89 15.86
N THR A 375 23.63 22.18 15.68
CA THR A 375 23.92 21.66 14.36
C THR A 375 22.93 20.58 13.91
N ILE A 376 22.56 20.72 12.65
CA ILE A 376 21.58 19.85 11.99
C ILE A 376 22.22 18.98 10.93
N GLU A 377 21.53 17.88 10.63
CA GLU A 377 21.91 17.01 9.50
C GLU A 377 20.79 17.01 8.45
N PHE A 378 21.15 17.35 7.22
CA PHE A 378 20.17 17.34 6.10
C PHE A 378 20.74 16.81 4.80
N ASP A 379 19.82 16.36 3.95
CA ASP A 379 20.15 15.77 2.66
C ASP A 379 19.15 16.11 1.53
N CYS A 380 18.40 17.18 1.75
CA CYS A 380 17.37 17.65 0.82
C CYS A 380 17.06 19.11 1.17
N LEU A 381 16.77 19.91 0.15
CA LEU A 381 16.31 21.28 0.32
C LEU A 381 15.33 21.64 -0.78
N MET A 382 14.56 22.68 -0.46
CA MET A 382 13.44 23.15 -1.31
C MET A 382 13.28 24.66 -1.20
N ILE A 383 12.91 25.23 -2.32
CA ILE A 383 12.73 26.66 -2.44
C ILE A 383 11.56 26.92 -3.38
N GLU A 384 10.73 27.89 -2.98
CA GLU A 384 9.48 28.26 -3.68
C GLU A 384 9.35 29.75 -3.90
N GLU A 385 9.14 30.10 -5.16
CA GLU A 385 8.99 31.47 -5.62
C GLU A 385 7.53 31.89 -5.60
N VAL A 386 7.34 33.21 -5.48
CA VAL A 386 6.02 33.81 -5.58
C VAL A 386 5.67 33.89 -7.07
N ILE A 387 5.02 32.87 -7.59
CA ILE A 387 4.90 32.74 -9.04
C ILE A 387 4.01 33.73 -9.74
N GLU A 388 3.04 34.25 -9.00
CA GLU A 388 2.19 35.35 -9.51
C GLU A 388 3.05 36.54 -9.94
N LEU A 389 4.26 36.60 -9.40
CA LEU A 389 5.13 37.77 -9.60
C LEU A 389 6.18 37.49 -10.68
N GLY A 390 6.13 36.26 -11.20
CA GLY A 390 6.98 35.90 -12.35
C GLY A 390 8.22 35.14 -11.97
N HIS A 391 8.93 34.62 -12.98
CA HIS A 391 10.27 34.11 -12.79
C HIS A 391 11.19 35.33 -12.57
N ARG A 392 11.64 35.45 -11.33
CA ARG A 392 12.43 36.65 -10.92
C ARG A 392 13.88 36.31 -10.74
N THR A 393 14.11 35.36 -9.87
CA THR A 393 15.49 34.82 -9.62
C THR A 393 15.93 33.87 -10.72
N THR A 394 17.20 34.02 -11.13
CA THR A 394 17.74 33.23 -12.21
C THR A 394 19.06 32.57 -11.94
N LYS A 395 19.61 32.82 -10.76
CA LYS A 395 20.77 32.04 -10.33
C LYS A 395 20.80 32.03 -8.82
N TRP A 396 21.01 30.85 -8.27
CA TRP A 396 21.05 30.65 -6.83
C TRP A 396 21.89 29.47 -6.38
N SER A 397 22.42 29.62 -5.19
CA SER A 397 23.25 28.57 -4.55
C SER A 397 22.96 28.50 -3.08
N VAL A 398 23.28 27.33 -2.52
CA VAL A 398 23.20 27.11 -1.10
C VAL A 398 24.53 26.52 -0.59
N GLU A 399 24.96 27.09 0.52
CA GLU A 399 26.15 26.71 1.25
C GLU A 399 25.88 26.50 2.72
N TYR A 400 26.88 25.96 3.37
CA TYR A 400 26.78 25.62 4.78
C TYR A 400 28.16 25.72 5.44
N THR A 401 28.10 25.80 6.75
CA THR A 401 29.31 25.72 7.55
C THR A 401 29.01 25.05 8.87
N VAL A 402 30.07 24.63 9.52
CA VAL A 402 30.02 24.22 10.95
C VAL A 402 30.94 25.09 11.81
N ASP A 403 32.23 25.09 11.52
CA ASP A 403 33.18 25.91 12.29
C ASP A 403 33.25 27.39 11.88
N GLY A 404 32.39 27.76 10.94
CA GLY A 404 32.25 29.16 10.55
C GLY A 404 33.53 29.74 9.98
N LYS A 405 34.48 28.85 9.83
CA LYS A 405 35.79 29.23 9.26
C LYS A 405 35.62 29.51 7.75
N ASN A 406 34.74 28.73 7.15
CA ASN A 406 34.44 28.88 5.75
C ASN A 406 33.07 28.31 5.33
N TRP A 407 32.50 28.94 4.31
CA TRP A 407 31.31 28.41 3.62
C TRP A 407 31.72 27.27 2.71
N ILE A 408 31.07 26.14 2.91
CA ILE A 408 31.29 24.92 2.14
C ILE A 408 30.17 24.84 1.11
N THR A 409 30.53 24.57 -0.13
CA THR A 409 29.54 24.54 -1.18
C THR A 409 28.83 23.20 -1.13
N ILE A 410 27.62 23.18 -1.66
CA ILE A 410 26.84 21.96 -1.83
C ILE A 410 26.80 21.67 -3.31
N PRO A 411 27.48 20.59 -3.75
CA PRO A 411 27.68 20.36 -5.19
C PRO A 411 26.44 20.41 -6.00
N GLU A 412 25.34 19.92 -5.43
CA GLU A 412 24.07 19.74 -6.16
C GLU A 412 23.23 21.02 -6.14
N ALA A 413 23.68 21.99 -5.35
CA ALA A 413 22.97 23.24 -5.15
C ALA A 413 23.84 24.45 -5.37
N THR A 414 24.62 24.38 -6.44
CA THR A 414 25.49 25.45 -6.91
C THR A 414 25.15 25.95 -8.31
N ASP A 415 24.93 27.26 -8.36
CA ASP A 415 24.65 27.96 -9.59
C ASP A 415 23.47 27.33 -10.30
N LYS A 416 22.44 27.04 -9.48
CA LYS A 416 21.13 26.64 -9.96
C LYS A 416 20.47 27.82 -10.64
N GLN A 417 19.54 27.54 -11.52
CA GLN A 417 18.92 28.63 -12.30
C GLN A 417 17.48 28.97 -11.92
N ALA A 418 16.54 28.12 -12.33
CA ALA A 418 15.09 28.35 -12.00
C ALA A 418 14.74 28.02 -10.58
N ILE A 419 13.71 28.74 -10.14
CA ILE A 419 12.97 28.38 -8.97
C ILE A 419 11.53 28.07 -9.31
N GLY A 420 10.83 29.09 -9.73
CA GLY A 420 9.40 28.97 -9.95
C GLY A 420 8.60 28.43 -8.78
N HIS A 421 7.71 27.52 -9.10
CA HIS A 421 6.72 27.00 -8.13
C HIS A 421 7.36 26.29 -7.01
N LYS A 422 8.32 25.49 -7.37
CA LYS A 422 9.01 24.63 -6.40
C LYS A 422 10.24 24.07 -7.09
N TRP A 423 11.35 24.06 -6.34
CA TRP A 423 12.55 23.42 -6.79
C TRP A 423 13.12 22.64 -5.63
N ILE A 424 13.29 21.34 -5.85
CA ILE A 424 13.88 20.47 -4.80
C ILE A 424 15.27 20.08 -5.20
N VAL A 425 16.16 20.03 -4.23
CA VAL A 425 17.50 19.50 -4.46
C VAL A 425 17.77 18.41 -3.43
N ARG A 426 18.27 17.30 -3.92
CA ARG A 426 18.73 16.23 -3.06
C ARG A 426 20.27 16.20 -3.12
N LEU A 427 20.85 15.84 -1.99
CA LEU A 427 22.27 16.05 -1.76
C LEU A 427 22.79 15.06 -0.77
N ALA A 428 24.06 14.70 -0.95
CA ALA A 428 24.76 13.90 0.05
C ALA A 428 24.63 14.62 1.40
N PRO A 429 24.26 13.86 2.45
CA PRO A 429 23.98 14.39 3.74
C PRO A 429 25.10 15.27 4.23
N VAL A 430 24.73 16.39 4.80
CA VAL A 430 25.72 17.28 5.43
C VAL A 430 25.26 17.69 6.80
N LYS A 431 26.22 17.93 7.67
CA LYS A 431 25.98 18.53 9.00
C LYS A 431 26.24 20.05 8.95
N ALA A 432 25.36 20.82 9.54
CA ALA A 432 25.48 22.28 9.44
C ALA A 432 25.11 22.98 10.69
N LYS A 433 25.89 24.00 10.99
CA LYS A 433 25.56 24.93 12.05
C LYS A 433 24.97 26.20 11.48
N GLN A 434 25.40 26.52 10.29
CA GLN A 434 24.79 27.63 9.53
C GLN A 434 24.61 27.27 8.07
N VAL A 435 23.58 27.86 7.49
CA VAL A 435 23.22 27.66 6.09
C VAL A 435 23.06 29.01 5.44
N ARG A 436 23.70 29.13 4.29
CA ARG A 436 23.58 30.33 3.47
C ARG A 436 22.84 30.12 2.14
N LEU A 437 21.86 30.98 1.92
CA LEU A 437 21.14 31.06 0.64
C LEU A 437 21.60 32.29 -0.11
N ARG A 438 22.27 32.05 -1.24
CA ARG A 438 22.74 33.10 -2.15
C ARG A 438 21.81 33.22 -3.36
N ILE A 439 21.12 34.36 -3.42
CA ILE A 439 20.38 34.80 -4.62
C ILE A 439 21.39 35.59 -5.40
N GLN A 440 21.84 35.00 -6.50
CA GLN A 440 23.02 35.50 -7.24
C GLN A 440 22.72 36.34 -8.45
N ASP A 441 21.58 36.14 -9.04
CA ASP A 441 21.18 36.89 -10.25
C ASP A 441 19.70 36.70 -10.50
N GLY A 442 19.17 37.64 -11.27
CA GLY A 442 17.75 37.68 -11.61
C GLY A 442 17.36 38.79 -12.53
N LYS A 443 16.12 38.73 -12.97
CA LYS A 443 15.50 39.77 -13.77
C LYS A 443 14.82 40.82 -12.89
N ALA A 444 14.61 40.43 -11.63
CA ALA A 444 14.05 41.35 -10.63
C ALA A 444 14.39 40.95 -9.20
N CYS A 445 14.08 41.85 -8.29
CA CYS A 445 14.39 41.60 -6.88
C CYS A 445 13.68 40.30 -6.50
N PRO A 446 14.27 39.50 -5.62
CA PRO A 446 13.67 38.21 -5.21
C PRO A 446 12.35 38.31 -4.49
N ALA A 447 11.55 37.30 -4.71
CA ALA A 447 10.26 37.12 -4.00
C ALA A 447 10.07 35.63 -3.74
N ILE A 448 10.39 35.22 -2.51
CA ILE A 448 10.48 33.80 -2.13
C ILE A 448 9.57 33.42 -0.95
N HIS A 449 8.71 32.46 -1.23
CA HIS A 449 7.69 32.03 -0.27
C HIS A 449 8.32 31.18 0.82
N THR A 450 9.18 30.30 0.36
CA THR A 450 9.65 29.21 1.18
C THR A 450 11.07 28.87 0.92
N PHE A 451 11.78 28.61 2.02
CA PHE A 451 13.11 27.99 1.94
C PHE A 451 13.29 27.04 3.11
N GLY A 452 13.74 25.83 2.83
CA GLY A 452 13.93 24.83 3.84
C GLY A 452 14.97 23.78 3.51
N VAL A 453 15.45 23.15 4.56
CA VAL A 453 16.27 21.97 4.41
C VAL A 453 15.62 20.87 5.23
N TYR A 454 15.90 19.67 4.82
CA TYR A 454 15.13 18.54 5.31
C TYR A 454 15.95 17.26 5.31
N LYS A 455 15.39 16.29 6.02
CA LYS A 455 15.99 14.99 6.04
C LYS A 455 15.00 14.01 5.37
N GLN A 456 15.49 13.35 4.34
CA GLN A 456 14.64 12.49 3.50
C GLN A 456 14.14 11.32 4.33
N SER A 457 12.89 10.97 4.11
CA SER A 457 12.21 9.90 4.85
C SER A 457 12.91 8.57 4.68
N PRO A 458 12.88 7.75 5.74
CA PRO A 458 13.42 6.42 5.56
C PRO A 458 12.67 5.61 4.53
N VAL A 459 11.45 6.01 4.29
CA VAL A 459 10.63 5.35 3.27
C VAL A 459 11.40 5.28 1.99
N PHE A 460 12.24 6.27 1.76
CA PHE A 460 13.03 6.37 0.52
C PHE A 460 14.41 5.76 0.70
N SER B 2 23.20 -24.00 31.76
CA SER B 2 21.97 -23.64 31.02
C SER B 2 20.75 -23.60 31.93
N LEU B 3 19.78 -22.81 31.51
CA LEU B 3 18.51 -22.74 32.21
C LEU B 3 17.78 -24.06 32.04
N ALA B 4 17.15 -24.53 33.07
CA ALA B 4 16.19 -25.63 32.94
C ALA B 4 14.90 -25.10 32.29
N PRO B 5 14.30 -25.92 31.40
CA PRO B 5 12.92 -25.56 30.99
C PRO B 5 11.92 -25.63 32.13
N CYS B 6 10.91 -24.81 32.03
CA CYS B 6 9.86 -24.75 33.04
C CYS B 6 8.55 -25.23 32.44
N GLY B 7 7.88 -26.11 33.16
CA GLY B 7 6.66 -26.79 32.69
C GLY B 7 6.76 -27.46 31.31
N LEU B 8 5.62 -27.42 30.61
CA LEU B 8 5.48 -27.94 29.22
C LEU B 8 6.10 -26.96 28.22
N VAL B 9 6.72 -27.49 27.19
CA VAL B 9 7.43 -26.70 26.20
C VAL B 9 7.03 -27.09 24.75
N PRO B 10 7.30 -26.24 23.80
CA PRO B 10 6.90 -26.50 22.44
C PRO B 10 7.75 -27.53 21.74
N SER B 11 7.10 -28.18 20.80
CA SER B 11 7.74 -29.13 19.89
C SER B 11 8.41 -28.34 18.79
N ALA B 12 9.22 -29.06 18.02
CA ALA B 12 9.89 -28.53 16.82
C ALA B 12 8.92 -27.93 15.81
N ARG B 13 7.78 -28.58 15.63
CA ARG B 13 6.71 -28.07 14.73
C ARG B 13 6.07 -26.81 15.28
N GLN B 14 5.88 -26.77 16.59
CA GLN B 14 5.25 -25.63 17.25
C GLN B 14 6.10 -24.42 17.18
N LEU B 15 7.41 -24.63 17.30
CA LEU B 15 8.38 -23.53 17.22
C LEU B 15 8.39 -22.93 15.81
N GLU B 16 8.35 -23.84 14.87
CA GLU B 16 8.33 -23.47 13.44
C GLU B 16 7.08 -22.66 13.16
N TRP B 17 5.96 -23.22 13.56
CA TRP B 17 4.66 -22.55 13.42
C TRP B 17 4.66 -21.14 14.04
N TYR B 18 5.11 -21.05 15.29
CA TYR B 18 5.09 -19.73 16.01
C TYR B 18 5.86 -18.67 15.27
N ASN B 19 6.95 -19.14 14.70
CA ASN B 19 7.90 -18.28 14.01
C ASN B 19 7.37 -17.72 12.67
N ARG B 20 6.32 -18.35 12.18
CA ARG B 20 5.67 -17.84 10.94
C ARG B 20 5.04 -16.47 11.16
N GLU B 21 4.47 -16.34 12.36
CA GLU B 21 3.72 -15.17 12.79
C GLU B 21 2.39 -14.97 12.09
N MET B 22 2.42 -14.98 10.76
CA MET B 22 1.20 -14.83 9.91
C MET B 22 1.13 -16.01 8.93
N ILE B 23 -0.10 -16.39 8.61
CA ILE B 23 -0.42 -17.41 7.62
C ILE B 23 -1.61 -16.89 6.81
N ALA B 24 -1.59 -17.10 5.51
CA ALA B 24 -2.76 -16.74 4.68
C ALA B 24 -3.76 -17.87 4.62
N PHE B 25 -5.06 -17.53 4.67
CA PHE B 25 -6.09 -18.49 4.32
C PHE B 25 -6.52 -18.12 2.90
N PHE B 26 -6.85 -19.11 2.06
CA PHE B 26 -7.60 -18.83 0.81
C PHE B 26 -8.87 -19.70 0.73
N HIS B 27 -10.03 -19.11 1.05
CA HIS B 27 -11.31 -19.77 0.86
C HIS B 27 -11.77 -19.49 -0.58
N PHE B 28 -11.81 -20.58 -1.32
CA PHE B 28 -12.07 -20.60 -2.74
C PHE B 28 -12.67 -21.92 -3.12
N GLY B 29 -13.68 -21.88 -3.93
CA GLY B 29 -14.35 -23.10 -4.35
C GLY B 29 -15.63 -22.80 -5.08
N ILE B 30 -16.48 -23.82 -5.12
CA ILE B 30 -17.79 -23.74 -5.79
C ILE B 30 -18.71 -22.63 -5.24
N ASN B 31 -18.62 -22.41 -3.93
CA ASN B 31 -19.38 -21.33 -3.22
C ASN B 31 -19.16 -19.96 -3.89
N THR B 32 -17.96 -19.76 -4.37
CA THR B 32 -17.54 -18.48 -4.96
C THR B 32 -18.36 -18.18 -6.21
N PHE B 33 -18.89 -19.24 -6.80
CA PHE B 33 -19.61 -19.13 -8.08
C PHE B 33 -21.09 -19.16 -7.93
N GLU B 34 -21.50 -19.24 -6.69
CA GLU B 34 -22.88 -19.01 -6.29
C GLU B 34 -23.11 -17.58 -5.83
N GLU B 35 -24.38 -17.23 -5.63
CA GLU B 35 -24.72 -15.85 -5.18
C GLU B 35 -24.78 -15.73 -3.66
N TYR B 36 -23.74 -15.16 -3.11
CA TYR B 36 -23.65 -14.80 -1.69
C TYR B 36 -23.76 -16.06 -0.82
N VAL B 37 -23.02 -17.09 -1.21
CA VAL B 37 -22.96 -18.31 -0.40
C VAL B 37 -21.63 -18.48 0.30
N ASN B 38 -21.72 -18.75 1.59
CA ASN B 38 -20.55 -19.06 2.48
C ASN B 38 -20.51 -20.50 3.02
N GLU B 39 -21.66 -21.12 3.01
CA GLU B 39 -21.83 -22.50 3.49
C GLU B 39 -22.69 -23.22 2.45
N GLY B 40 -22.04 -23.86 1.50
CA GLY B 40 -22.73 -24.53 0.36
C GLY B 40 -23.30 -25.88 0.77
N ASP B 41 -24.40 -26.23 0.09
CA ASP B 41 -25.23 -27.40 0.45
C ASP B 41 -24.82 -28.72 -0.18
N GLY B 42 -23.82 -28.67 -1.02
CA GLY B 42 -23.35 -29.87 -1.72
C GLY B 42 -24.22 -30.24 -2.93
N LYS B 43 -25.16 -29.36 -3.24
CA LYS B 43 -26.06 -29.54 -4.39
C LYS B 43 -25.80 -28.68 -5.59
N ALA B 44 -24.86 -27.76 -5.48
CA ALA B 44 -24.47 -26.96 -6.66
C ALA B 44 -23.87 -27.90 -7.70
N SER B 45 -24.18 -27.58 -8.95
CA SER B 45 -23.59 -28.32 -10.09
C SER B 45 -22.12 -27.99 -10.22
N THR B 46 -21.33 -29.03 -10.41
CA THR B 46 -19.91 -28.80 -10.62
C THR B 46 -19.68 -27.80 -11.77
N ALA B 47 -20.60 -27.81 -12.73
CA ALA B 47 -20.47 -27.02 -13.96
C ALA B 47 -20.19 -25.54 -13.69
N ILE B 48 -20.78 -25.02 -12.60
CA ILE B 48 -20.61 -23.57 -12.32
C ILE B 48 -19.22 -23.10 -11.92
N PHE B 49 -18.35 -24.03 -11.57
CA PHE B 49 -17.00 -23.65 -11.13
C PHE B 49 -16.17 -23.27 -12.35
N ASN B 50 -15.89 -21.99 -12.51
CA ASN B 50 -15.29 -21.52 -13.73
C ASN B 50 -14.57 -20.19 -13.59
N PRO B 51 -13.50 -20.14 -12.81
CA PRO B 51 -12.75 -18.91 -12.69
C PRO B 51 -12.20 -18.53 -14.07
N THR B 52 -12.19 -17.26 -14.36
CA THR B 52 -11.96 -16.77 -15.73
C THR B 52 -10.51 -16.53 -16.05
N ALA B 53 -9.71 -16.25 -15.03
CA ALA B 53 -8.28 -16.01 -15.23
C ALA B 53 -7.44 -16.31 -14.01
N LEU B 54 -7.63 -17.51 -13.50
CA LEU B 54 -7.04 -17.95 -12.27
C LEU B 54 -5.53 -17.89 -12.35
N ASP B 55 -4.92 -17.27 -11.34
CA ASP B 55 -3.44 -17.25 -11.27
C ASP B 55 -2.93 -17.24 -9.84
N CYS B 56 -2.53 -18.42 -9.40
CA CYS B 56 -2.05 -18.56 -8.03
C CYS B 56 -0.75 -17.73 -7.77
N ARG B 57 -0.04 -17.40 -8.84
CA ARG B 57 1.21 -16.59 -8.71
C ARG B 57 0.87 -15.20 -8.24
N GLN B 58 -0.31 -14.77 -8.67
CA GLN B 58 -0.85 -13.48 -8.27
C GLN B 58 -1.19 -13.50 -6.76
N TRP B 59 -1.71 -14.63 -6.29
CA TRP B 59 -1.97 -14.81 -4.87
C TRP B 59 -0.68 -14.70 -4.08
N MET B 60 0.35 -15.33 -4.61
CA MET B 60 1.67 -15.33 -3.95
C MET B 60 2.30 -13.93 -3.94
N GLN B 61 2.05 -13.16 -4.97
CA GLN B 61 2.61 -11.80 -5.01
C GLN B 61 1.93 -10.99 -3.89
N THR B 62 0.66 -11.23 -3.65
CA THR B 62 -0.07 -10.59 -2.53
C THR B 62 0.64 -10.92 -1.21
N LEU B 63 1.03 -12.16 -1.11
CA LEU B 63 1.61 -12.65 0.15
C LEU B 63 3.00 -12.09 0.41
N LYS B 64 3.80 -12.03 -0.65
CA LYS B 64 5.11 -11.47 -0.54
C LYS B 64 4.95 -10.05 -0.08
N ALA B 65 4.07 -9.28 -0.70
CA ALA B 65 3.91 -7.86 -0.32
C ALA B 65 3.39 -7.69 1.11
N ALA B 66 2.70 -8.71 1.60
CA ALA B 66 2.16 -8.70 2.96
C ALA B 66 3.10 -9.25 4.00
N GLY B 67 4.22 -9.78 3.56
CA GLY B 67 5.16 -10.46 4.40
C GLY B 67 4.66 -11.74 5.08
N ILE B 68 3.85 -12.48 4.36
CA ILE B 68 3.21 -13.72 4.87
C ILE B 68 3.90 -14.94 4.29
N PRO B 69 4.45 -15.78 5.17
CA PRO B 69 5.40 -16.81 4.68
C PRO B 69 4.78 -18.16 4.35
N ALA B 70 3.49 -18.30 4.63
CA ALA B 70 2.78 -19.63 4.57
C ALA B 70 1.31 -19.44 4.16
N ALA B 71 0.72 -20.47 3.57
CA ALA B 71 -0.64 -20.36 3.06
C ALA B 71 -1.40 -21.67 3.04
N ILE B 72 -2.67 -21.53 3.37
CA ILE B 72 -3.56 -22.67 3.49
C ILE B 72 -4.73 -22.52 2.54
N LEU B 73 -4.86 -23.48 1.63
CA LEU B 73 -5.97 -23.48 0.64
C LEU B 73 -7.07 -24.42 1.07
N THR B 74 -8.30 -23.97 0.91
CA THR B 74 -9.45 -24.88 1.06
C THR B 74 -9.58 -25.83 -0.14
N ALA B 75 -8.89 -26.97 -0.02
CA ALA B 75 -8.94 -28.05 -1.03
C ALA B 75 -10.33 -28.64 -1.14
N LYS B 76 -11.02 -28.59 -0.01
CA LYS B 76 -12.45 -28.99 0.01
C LYS B 76 -13.13 -28.34 1.25
N HIS B 77 -14.18 -27.60 1.01
CA HIS B 77 -15.02 -27.10 2.10
C HIS B 77 -16.16 -28.06 2.43
N ALA B 78 -17.01 -27.65 3.36
CA ALA B 78 -18.12 -28.49 3.79
C ALA B 78 -19.07 -28.85 2.64
N ASP B 79 -19.09 -28.04 1.62
CA ASP B 79 -19.91 -28.31 0.42
C ASP B 79 -19.46 -29.57 -0.33
N GLY B 80 -18.23 -29.96 -0.04
CA GLY B 80 -17.66 -31.22 -0.57
C GLY B 80 -16.95 -31.16 -1.92
N PHE B 81 -16.97 -29.99 -2.54
CA PHE B 81 -16.42 -29.84 -3.87
C PHE B 81 -14.89 -29.80 -3.73
N CYS B 82 -14.26 -30.70 -4.45
CA CYS B 82 -12.77 -30.83 -4.44
C CYS B 82 -12.06 -30.02 -5.52
N LEU B 83 -11.05 -29.30 -5.07
CA LEU B 83 -10.34 -28.33 -5.90
C LEU B 83 -9.20 -29.05 -6.74
N TRP B 84 -9.13 -30.35 -6.58
CA TRP B 84 -8.16 -31.18 -7.36
C TRP B 84 -8.92 -32.39 -7.92
N PRO B 85 -8.44 -32.98 -9.01
CA PRO B 85 -9.17 -34.08 -9.65
C PRO B 85 -8.91 -35.38 -8.97
N SER B 86 -9.45 -35.47 -7.77
CA SER B 86 -9.33 -36.69 -6.95
C SER B 86 -9.87 -37.93 -7.66
N LYS B 87 -9.19 -39.04 -7.42
CA LYS B 87 -9.62 -40.34 -8.02
C LYS B 87 -10.85 -40.90 -7.30
N TYR B 88 -11.24 -40.22 -6.25
CA TYR B 88 -12.23 -40.80 -5.29
C TYR B 88 -13.60 -40.14 -5.27
N THR B 89 -13.76 -39.10 -6.08
CA THR B 89 -15.09 -38.46 -6.29
C THR B 89 -15.17 -37.87 -7.67
N ASP B 90 -16.40 -37.60 -8.08
CA ASP B 90 -16.63 -36.78 -9.26
C ASP B 90 -17.05 -35.34 -8.90
N TYR B 91 -17.21 -35.09 -7.63
CA TYR B 91 -17.65 -33.79 -7.17
C TYR B 91 -16.42 -32.89 -6.99
N SER B 92 -15.93 -32.44 -8.13
CA SER B 92 -14.59 -31.80 -8.23
C SER B 92 -14.40 -31.05 -9.55
N VAL B 93 -13.24 -30.42 -9.61
CA VAL B 93 -12.72 -29.71 -10.81
C VAL B 93 -12.72 -30.58 -12.09
N LYS B 94 -12.66 -31.88 -11.91
CA LYS B 94 -12.72 -32.84 -13.04
C LYS B 94 -14.05 -32.63 -13.88
N ASN B 95 -15.09 -32.15 -13.23
CA ASN B 95 -16.40 -31.96 -13.84
C ASN B 95 -16.90 -30.50 -13.88
N ALA B 96 -15.94 -29.61 -13.78
CA ALA B 96 -16.17 -28.21 -13.90
C ALA B 96 -16.10 -27.74 -15.35
N ALA B 97 -16.63 -26.57 -15.57
CA ALA B 97 -16.48 -25.87 -16.86
C ALA B 97 -15.00 -25.46 -17.01
N TRP B 98 -14.40 -25.07 -15.88
CA TRP B 98 -13.03 -24.52 -15.83
C TRP B 98 -12.11 -25.51 -16.56
N LYS B 99 -11.37 -24.96 -17.52
CA LYS B 99 -10.32 -25.73 -18.22
C LYS B 99 -10.86 -27.05 -18.80
N ASN B 100 -12.15 -27.01 -19.10
CA ASN B 100 -12.85 -28.20 -19.69
C ASN B 100 -12.70 -29.45 -18.87
N GLY B 101 -12.59 -29.26 -17.55
CA GLY B 101 -12.53 -30.35 -16.55
C GLY B 101 -11.12 -30.91 -16.35
N LYS B 102 -10.18 -30.23 -16.96
CA LYS B 102 -8.81 -30.71 -16.98
C LYS B 102 -7.84 -29.99 -16.04
N GLY B 103 -8.38 -29.11 -15.22
CA GLY B 103 -7.55 -28.34 -14.31
C GLY B 103 -7.35 -28.99 -12.95
N ASP B 104 -6.43 -28.38 -12.20
CA ASP B 104 -6.12 -28.75 -10.80
C ASP B 104 -5.60 -27.53 -10.03
N VAL B 105 -6.49 -26.94 -9.23
CA VAL B 105 -6.21 -25.73 -8.51
C VAL B 105 -5.15 -26.03 -7.43
N VAL B 106 -5.23 -27.18 -6.79
CA VAL B 106 -4.33 -27.51 -5.67
C VAL B 106 -2.90 -27.55 -6.28
N ARG B 107 -2.80 -28.18 -7.43
CA ARG B 107 -1.51 -28.25 -8.15
C ARG B 107 -0.96 -26.88 -8.48
N GLU B 108 -1.79 -26.02 -9.03
CA GLU B 108 -1.39 -24.63 -9.31
C GLU B 108 -0.93 -23.87 -8.06
N PHE B 109 -1.69 -24.09 -7.00
CA PHE B 109 -1.44 -23.54 -5.68
C PHE B 109 -0.06 -23.94 -5.16
N VAL B 110 0.20 -25.23 -5.09
CA VAL B 110 1.43 -25.75 -4.47
C VAL B 110 2.64 -25.43 -5.40
N ASP B 111 2.41 -25.39 -6.71
CA ASP B 111 3.44 -24.91 -7.68
C ASP B 111 3.89 -23.47 -7.43
N ALA B 112 2.89 -22.64 -7.19
CA ALA B 112 3.13 -21.20 -6.95
C ALA B 112 3.79 -20.97 -5.57
N CYS B 113 3.33 -21.70 -4.57
CA CYS B 113 3.97 -21.67 -3.22
C CYS B 113 5.46 -21.96 -3.40
N GLU B 114 5.71 -23.07 -4.05
CA GLU B 114 7.11 -23.54 -4.28
C GLU B 114 7.92 -22.51 -5.01
N GLU B 115 7.37 -21.93 -6.06
CA GLU B 115 8.12 -20.95 -6.87
C GLU B 115 8.47 -19.69 -6.09
N TYR B 116 7.59 -19.32 -5.18
CA TYR B 116 7.72 -18.07 -4.42
C TYR B 116 8.32 -18.30 -3.04
N GLY B 117 8.63 -19.54 -2.79
CA GLY B 117 9.27 -19.93 -1.53
C GLY B 117 8.44 -19.86 -0.27
N LEU B 118 7.13 -20.05 -0.45
CA LEU B 118 6.19 -20.01 0.64
C LEU B 118 5.78 -21.44 1.06
N LYS B 119 5.34 -21.57 2.30
CA LYS B 119 4.94 -22.85 2.82
C LYS B 119 3.50 -23.14 2.51
N ALA B 120 3.24 -24.31 1.95
CA ALA B 120 1.90 -24.72 1.51
C ALA B 120 1.19 -25.48 2.63
N GLY B 121 -0.08 -25.20 2.78
CA GLY B 121 -0.94 -25.95 3.69
C GLY B 121 -2.29 -26.26 3.06
N ILE B 122 -2.96 -27.20 3.70
CA ILE B 122 -4.20 -27.77 3.18
C ILE B 122 -5.31 -27.75 4.20
N TYR B 123 -6.40 -27.14 3.81
CA TYR B 123 -7.71 -27.30 4.50
C TYR B 123 -8.52 -28.37 3.77
N LEU B 124 -8.79 -29.47 4.46
CA LEU B 124 -9.65 -30.55 3.91
C LEU B 124 -10.79 -30.88 4.89
N GLY B 125 -11.98 -30.40 4.56
CA GLY B 125 -13.10 -30.38 5.52
C GLY B 125 -13.56 -31.72 6.04
N PRO B 126 -13.53 -31.91 7.37
CA PRO B 126 -13.97 -33.16 7.90
C PRO B 126 -15.45 -33.38 7.67
N HIS B 127 -16.30 -32.41 8.01
CA HIS B 127 -17.73 -32.56 7.69
C HIS B 127 -17.93 -32.33 6.20
N ASP B 128 -18.56 -33.31 5.58
CA ASP B 128 -18.82 -33.26 4.13
C ASP B 128 -20.30 -33.38 3.80
N ARG B 129 -20.88 -32.27 3.42
CA ARG B 129 -22.33 -32.22 3.17
C ARG B 129 -22.68 -32.98 1.90
N HIS B 130 -21.78 -32.96 0.93
CA HIS B 130 -22.03 -33.67 -0.32
C HIS B 130 -22.12 -35.18 -0.06
N GLU B 131 -21.23 -35.71 0.73
CA GLU B 131 -21.16 -37.17 0.95
C GLU B 131 -22.35 -37.57 1.78
N HIS B 132 -22.72 -36.67 2.67
CA HIS B 132 -23.95 -36.90 3.47
C HIS B 132 -25.23 -37.06 2.64
N LEU B 133 -25.24 -36.54 1.42
CA LEU B 133 -26.43 -36.63 0.56
C LEU B 133 -26.73 -38.08 0.17
N SER B 134 -25.71 -38.91 0.22
CA SER B 134 -25.79 -40.30 -0.31
C SER B 134 -26.55 -41.22 0.60
N PRO B 135 -27.44 -42.09 0.04
CA PRO B 135 -28.21 -43.03 0.85
C PRO B 135 -27.30 -43.99 1.58
N LEU B 136 -26.12 -44.11 1.04
CA LEU B 136 -25.15 -45.09 1.50
C LEU B 136 -24.15 -44.56 2.52
N TYR B 137 -24.30 -43.30 2.91
CA TYR B 137 -23.31 -42.66 3.77
C TYR B 137 -23.20 -43.39 5.11
N THR B 138 -22.00 -43.67 5.53
CA THR B 138 -21.78 -44.05 6.93
C THR B 138 -20.48 -43.44 7.39
N THR B 139 -20.37 -43.32 8.70
CA THR B 139 -19.14 -42.73 9.26
C THR B 139 -17.96 -43.59 8.88
N GLU B 140 -18.14 -44.89 8.87
CA GLU B 140 -17.00 -45.75 8.59
C GLU B 140 -16.54 -45.63 7.15
N ARG B 141 -17.52 -45.51 6.28
CA ARG B 141 -17.24 -45.35 4.85
C ARG B 141 -16.59 -43.98 4.55
N TYR B 142 -17.09 -42.96 5.21
CA TYR B 142 -16.57 -41.58 5.00
C TYR B 142 -15.15 -41.54 5.51
N LYS B 143 -14.89 -42.30 6.57
CA LYS B 143 -13.52 -42.37 7.12
C LYS B 143 -12.51 -42.80 6.08
N GLU B 144 -12.88 -43.81 5.32
CA GLU B 144 -12.04 -44.36 4.25
C GLU B 144 -11.88 -43.41 3.07
N TYR B 145 -12.96 -42.79 2.67
CA TYR B 145 -12.97 -41.80 1.60
C TYR B 145 -12.01 -40.63 1.91
N TYR B 146 -12.19 -40.08 3.10
CA TYR B 146 -11.41 -38.96 3.62
C TYR B 146 -9.93 -39.36 3.58
N ALA B 147 -9.68 -40.56 4.06
CA ALA B 147 -8.29 -41.06 4.19
C ALA B 147 -7.66 -41.20 2.78
N HIS B 148 -8.44 -41.68 1.83
CA HIS B 148 -7.95 -41.77 0.44
C HIS B 148 -7.53 -40.40 -0.10
N GLN B 149 -8.41 -39.44 0.09
CA GLN B 149 -8.16 -38.06 -0.35
C GLN B 149 -6.97 -37.46 0.38
N LEU B 150 -6.95 -37.67 1.68
CA LEU B 150 -5.81 -37.19 2.51
C LEU B 150 -4.50 -37.73 1.93
N GLY B 151 -4.56 -39.01 1.57
CA GLY B 151 -3.43 -39.71 0.97
C GLY B 151 -2.94 -39.10 -0.33
N GLU B 152 -3.87 -38.65 -1.16
CA GLU B 152 -3.47 -37.98 -2.39
C GLU B 152 -2.74 -36.67 -2.08
N LEU B 153 -3.35 -35.90 -1.20
CA LEU B 153 -2.85 -34.55 -0.95
C LEU B 153 -1.57 -34.52 -0.12
N MET B 154 -1.41 -35.55 0.68
CA MET B 154 -0.24 -35.72 1.56
C MET B 154 0.90 -36.43 0.83
N SER B 155 0.61 -36.96 -0.36
CA SER B 155 1.60 -37.73 -1.13
C SER B 155 2.08 -37.04 -2.39
N ASP B 156 1.19 -36.40 -3.13
CA ASP B 156 1.46 -36.04 -4.53
C ASP B 156 1.59 -34.56 -4.81
N TYR B 157 1.55 -33.78 -3.74
CA TYR B 157 1.50 -32.30 -3.85
C TYR B 157 2.63 -31.57 -3.12
N GLY B 158 3.71 -32.28 -2.93
CA GLY B 158 4.88 -31.68 -2.26
C GLY B 158 4.76 -31.62 -0.77
N LYS B 159 5.59 -30.76 -0.20
CA LYS B 159 5.69 -30.62 1.27
C LYS B 159 4.51 -29.79 1.75
N ILE B 160 3.90 -30.30 2.77
CA ILE B 160 2.74 -29.70 3.42
C ILE B 160 3.10 -29.36 4.85
N TRP B 161 2.91 -28.09 5.22
CA TRP B 161 3.35 -27.58 6.53
C TRP B 161 2.23 -27.42 7.56
N GLU B 162 0.98 -27.46 7.06
CA GLU B 162 -0.24 -27.43 7.91
C GLU B 162 -1.41 -28.13 7.25
N THR B 163 -2.13 -28.86 8.08
CA THR B 163 -3.36 -29.54 7.72
C THR B 163 -4.41 -29.04 8.74
N TRP B 164 -5.52 -28.55 8.22
CA TRP B 164 -6.51 -27.83 9.02
C TRP B 164 -7.78 -28.65 9.02
N TRP B 165 -8.23 -28.94 10.24
CA TRP B 165 -9.48 -29.70 10.49
C TRP B 165 -10.50 -28.77 11.21
N ASP B 166 -11.39 -28.21 10.39
CA ASP B 166 -12.47 -27.37 10.87
C ASP B 166 -13.39 -28.22 11.73
N GLY B 167 -13.81 -27.69 12.86
CA GLY B 167 -14.73 -28.44 13.72
C GLY B 167 -16.18 -28.25 13.35
N ALA B 168 -16.42 -27.25 12.53
CA ALA B 168 -17.79 -26.90 12.12
C ALA B 168 -18.52 -28.15 11.62
N GLY B 169 -19.56 -28.55 12.31
CA GLY B 169 -20.38 -29.67 11.87
C GLY B 169 -19.75 -31.04 12.03
N ALA B 170 -18.63 -31.08 12.74
CA ALA B 170 -17.82 -32.31 12.83
C ALA B 170 -18.14 -33.23 14.04
N ASP B 171 -19.24 -32.95 14.73
CA ASP B 171 -19.47 -33.63 16.01
C ASP B 171 -19.65 -35.16 15.89
N GLU B 172 -20.09 -35.66 14.73
CA GLU B 172 -20.34 -37.10 14.54
C GLU B 172 -19.03 -37.90 14.41
N LEU B 173 -17.94 -37.21 14.15
CA LEU B 173 -16.66 -37.83 13.86
C LEU B 173 -15.89 -38.08 15.18
N THR B 174 -15.48 -39.33 15.37
CA THR B 174 -14.92 -39.81 16.61
C THR B 174 -13.43 -39.76 16.60
N THR B 175 -12.89 -39.89 17.80
CA THR B 175 -11.45 -39.81 17.96
C THR B 175 -10.74 -40.87 17.12
N PRO B 176 -11.30 -42.08 17.04
CA PRO B 176 -10.53 -43.05 16.26
C PRO B 176 -10.54 -42.76 14.76
N VAL B 177 -11.56 -42.06 14.32
CA VAL B 177 -11.62 -41.65 12.93
C VAL B 177 -10.42 -40.71 12.69
N TYR B 178 -10.25 -39.74 13.58
CA TYR B 178 -9.16 -38.76 13.39
C TYR B 178 -7.79 -39.42 13.49
N ARG B 179 -7.72 -40.51 14.25
CA ARG B 179 -6.42 -41.16 14.50
C ARG B 179 -5.95 -41.75 13.21
N HIS B 180 -6.90 -42.38 12.52
CA HIS B 180 -6.62 -42.95 11.17
C HIS B 180 -6.07 -41.87 10.24
N TRP B 181 -6.67 -40.68 10.29
CA TRP B 181 -6.18 -39.56 9.42
C TRP B 181 -4.86 -39.01 9.94
N TYR B 182 -4.77 -38.98 11.27
CA TYR B 182 -3.56 -38.45 11.91
C TYR B 182 -2.34 -39.20 11.46
N LYS B 183 -2.47 -40.52 11.39
CA LYS B 183 -1.30 -41.36 11.10
C LYS B 183 -0.86 -41.13 9.68
N ILE B 184 -1.82 -40.86 8.78
CA ILE B 184 -1.46 -40.59 7.38
C ILE B 184 -0.67 -39.29 7.33
N VAL B 185 -1.15 -38.28 8.05
CA VAL B 185 -0.48 -36.98 8.03
C VAL B 185 0.95 -37.07 8.59
N ARG B 186 1.04 -37.72 9.74
CA ARG B 186 2.31 -37.72 10.47
C ARG B 186 3.36 -38.55 9.72
N GLU B 187 2.88 -39.59 9.06
CA GLU B 187 3.80 -40.46 8.33
C GLU B 187 4.30 -39.84 7.03
N LYS B 188 3.40 -39.21 6.30
CA LYS B 188 3.78 -38.65 5.01
C LYS B 188 4.42 -37.28 5.07
N GLN B 189 4.05 -36.57 6.11
CA GLN B 189 4.42 -35.15 6.26
C GLN B 189 4.84 -34.89 7.71
N PRO B 190 6.07 -35.25 8.03
CA PRO B 190 6.52 -35.19 9.44
C PRO B 190 6.49 -33.78 10.05
N ASP B 191 6.66 -32.77 9.22
CA ASP B 191 6.69 -31.38 9.69
C ASP B 191 5.34 -30.69 9.70
N CYS B 192 4.31 -31.44 9.34
CA CYS B 192 3.00 -30.83 9.13
C CYS B 192 2.36 -30.51 10.48
N VAL B 193 2.01 -29.26 10.65
CA VAL B 193 1.25 -28.81 11.82
C VAL B 193 -0.24 -29.17 11.65
N ILE B 194 -0.84 -29.81 12.64
CA ILE B 194 -2.31 -30.06 12.67
C ILE B 194 -3.05 -29.08 13.59
N PHE B 195 -3.92 -28.29 12.94
CA PHE B 195 -4.97 -27.50 13.60
C PHE B 195 -6.14 -28.46 13.79
N GLY B 196 -6.43 -28.73 15.07
CA GLY B 196 -7.41 -29.75 15.42
C GLY B 196 -8.41 -29.21 16.43
N THR B 197 -9.61 -29.70 16.22
CA THR B 197 -10.76 -29.34 16.97
C THR B 197 -11.50 -30.59 17.42
N LYS B 198 -12.33 -30.36 18.40
CA LYS B 198 -13.29 -31.33 18.85
C LYS B 198 -12.62 -32.65 19.08
N ASN B 199 -13.14 -33.70 18.50
CA ASN B 199 -12.63 -35.05 18.82
C ASN B 199 -11.23 -35.37 18.32
N SER B 200 -10.62 -34.42 17.63
CA SER B 200 -9.24 -34.58 17.17
C SER B 200 -8.24 -34.12 18.25
N TYR B 201 -8.75 -33.75 19.41
CA TYR B 201 -7.86 -33.13 20.46
C TYR B 201 -6.55 -33.83 20.76
N PRO B 202 -6.50 -35.16 20.74
CA PRO B 202 -5.20 -35.75 21.07
C PRO B 202 -4.15 -35.53 20.01
N PHE B 203 -4.54 -35.03 18.86
CA PHE B 203 -3.63 -35.02 17.70
C PHE B 203 -3.27 -33.62 17.26
N ALA B 204 -3.94 -32.68 17.87
CA ALA B 204 -3.84 -31.27 17.55
C ALA B 204 -2.47 -30.75 17.97
N ASP B 205 -1.83 -30.03 17.08
CA ASP B 205 -0.61 -29.29 17.40
C ASP B 205 -0.90 -27.85 17.87
N VAL B 206 -1.94 -27.27 17.26
CA VAL B 206 -2.44 -25.95 17.57
C VAL B 206 -3.94 -26.04 17.71
N ARG B 207 -4.48 -25.11 18.48
CA ARG B 207 -5.88 -25.09 18.82
C ARG B 207 -6.56 -23.88 18.28
N TRP B 208 -7.88 -23.96 18.26
CA TRP B 208 -8.77 -22.80 18.10
C TRP B 208 -8.87 -21.99 19.41
N MET B 209 -9.20 -20.72 19.24
CA MET B 209 -9.26 -19.73 20.32
C MET B 209 -10.66 -19.15 20.53
N GLY B 210 -11.63 -19.79 19.91
CA GLY B 210 -13.02 -19.70 20.35
C GLY B 210 -13.85 -18.60 19.78
N ASN B 211 -13.23 -17.76 18.97
CA ASN B 211 -13.95 -16.73 18.19
C ASN B 211 -13.31 -16.50 16.84
N GLU B 212 -14.02 -15.85 15.91
CA GLU B 212 -13.50 -15.65 14.56
C GLU B 212 -13.33 -14.17 14.29
N ALA B 213 -13.25 -13.43 15.41
CA ALA B 213 -13.07 -11.95 15.43
C ALA B 213 -11.61 -11.48 15.43
N GLY B 214 -10.74 -12.44 15.62
CA GLY B 214 -9.31 -12.17 15.59
C GLY B 214 -8.75 -11.68 16.90
N GLU B 215 -9.41 -12.15 17.96
CA GLU B 215 -9.09 -11.72 19.31
C GLU B 215 -8.80 -12.87 20.26
N ALA B 216 -7.54 -13.22 20.33
CA ALA B 216 -7.07 -14.17 21.34
C ALA B 216 -7.16 -13.48 22.72
N GLY B 217 -7.08 -14.31 23.74
CA GLY B 217 -7.15 -13.86 25.13
C GLY B 217 -6.00 -12.99 25.62
N ASP B 218 -6.32 -12.24 26.66
CA ASP B 218 -5.31 -11.53 27.46
C ASP B 218 -5.57 -11.90 28.92
N PRO B 219 -4.83 -12.86 29.46
CA PRO B 219 -3.69 -13.53 28.85
C PRO B 219 -4.05 -14.57 27.81
N CYS B 220 -3.06 -14.94 27.04
CA CYS B 220 -3.20 -16.13 26.19
C CYS B 220 -2.03 -17.06 26.38
N TRP B 221 -2.26 -18.14 27.15
CA TRP B 221 -1.22 -19.19 27.40
C TRP B 221 -1.17 -20.16 26.26
N ALA B 222 0.03 -20.72 26.00
CA ALA B 222 0.25 -21.75 24.96
C ALA B 222 -0.32 -23.08 25.37
N THR B 223 -0.53 -23.19 26.68
CA THR B 223 -0.95 -24.41 27.33
C THR B 223 -2.41 -24.32 27.64
N THR B 224 -3.06 -25.48 27.63
CA THR B 224 -4.45 -25.59 28.09
C THR B 224 -4.78 -27.05 28.28
N ASP B 225 -5.91 -27.32 28.87
CA ASP B 225 -6.38 -28.69 29.05
C ASP B 225 -6.98 -29.18 27.73
N SER B 226 -6.56 -30.36 27.30
CA SER B 226 -7.10 -31.03 26.08
C SER B 226 -8.59 -31.02 25.96
N VAL B 227 -9.24 -31.22 27.09
CA VAL B 227 -10.69 -31.35 27.14
C VAL B 227 -11.38 -30.07 26.63
N ALA B 228 -10.64 -28.97 26.69
CA ALA B 228 -11.15 -27.70 26.22
C ALA B 228 -11.35 -27.80 24.75
N ILE B 229 -10.43 -28.49 24.08
CA ILE B 229 -10.56 -28.64 22.62
C ILE B 229 -11.79 -29.51 22.29
N ARG B 230 -11.97 -30.49 23.13
CA ARG B 230 -12.95 -31.54 22.88
C ARG B 230 -14.34 -30.96 23.13
N ASP B 231 -14.47 -30.16 24.18
CA ASP B 231 -15.76 -29.61 24.59
C ASP B 231 -15.92 -28.08 24.43
N GLU B 232 -15.68 -27.57 23.23
CA GLU B 232 -15.59 -26.13 23.01
C GLU B 232 -16.56 -25.24 23.80
N ALA B 233 -17.82 -25.62 23.78
CA ALA B 233 -18.90 -24.73 24.28
C ALA B 233 -18.81 -24.56 25.76
N GLN B 234 -18.15 -25.51 26.39
CA GLN B 234 -18.09 -25.53 27.83
CA GLN B 234 -18.11 -25.47 27.84
C GLN B 234 -16.76 -24.98 28.30
N TYR B 235 -15.94 -24.57 27.34
CA TYR B 235 -14.58 -24.14 27.63
C TYR B 235 -14.07 -22.92 26.86
N TYR B 236 -14.92 -21.94 26.66
CA TYR B 236 -14.47 -20.75 25.97
C TYR B 236 -13.16 -20.21 26.55
N LYS B 237 -13.10 -20.00 27.86
CA LYS B 237 -11.93 -19.31 28.37
C LYS B 237 -10.74 -20.20 28.12
N GLY B 238 -10.98 -21.50 28.21
CA GLY B 238 -9.90 -22.48 28.06
C GLY B 238 -9.27 -22.47 26.70
N LEU B 239 -10.08 -22.16 25.70
CA LEU B 239 -9.56 -22.00 24.35
C LEU B 239 -8.96 -20.63 24.14
N ASN B 240 -9.66 -19.60 24.57
CA ASN B 240 -9.32 -18.22 24.27
C ASN B 240 -8.12 -17.77 25.12
N GLU B 241 -8.15 -18.08 26.42
CA GLU B 241 -7.00 -17.71 27.29
C GLU B 241 -6.02 -18.84 27.53
N GLY B 242 -6.46 -20.06 27.35
CA GLY B 242 -5.61 -21.20 27.69
C GLY B 242 -5.61 -21.32 29.22
N MET B 243 -4.72 -22.12 29.75
CA MET B 243 -4.55 -22.22 31.20
C MET B 243 -3.08 -22.34 31.53
N LEU B 244 -2.62 -21.54 32.48
CA LEU B 244 -1.21 -21.62 32.94
C LEU B 244 -0.90 -23.04 33.32
N ASP B 245 -1.88 -23.67 33.92
CA ASP B 245 -1.75 -25.03 34.42
C ASP B 245 -2.42 -26.07 33.55
N GLY B 246 -2.51 -25.75 32.27
CA GLY B 246 -3.07 -26.69 31.29
C GLY B 246 -2.22 -27.91 31.11
N ASP B 247 -2.88 -29.04 30.88
CA ASP B 247 -2.19 -30.35 30.78
C ASP B 247 -1.54 -30.65 29.43
N ALA B 248 -1.70 -29.72 28.51
CA ALA B 248 -1.13 -29.83 27.16
C ALA B 248 -0.65 -28.51 26.61
N TYR B 249 0.43 -28.63 25.85
CA TYR B 249 1.06 -27.50 25.11
C TYR B 249 0.47 -27.51 23.72
N ILE B 250 -0.53 -26.68 23.53
CA ILE B 250 -1.24 -26.59 22.21
C ILE B 250 -1.62 -25.16 21.96
N PRO B 251 -0.69 -24.38 21.39
CA PRO B 251 -0.89 -23.00 21.23
C PRO B 251 -2.10 -22.65 20.37
N ALA B 252 -2.58 -21.45 20.61
CA ALA B 252 -3.75 -20.89 19.90
C ALA B 252 -3.39 -20.29 18.56
N GLU B 253 -4.20 -20.68 17.56
CA GLU B 253 -4.10 -20.06 16.21
C GLU B 253 -5.37 -19.25 15.96
N THR B 254 -5.18 -17.96 15.71
CA THR B 254 -6.27 -16.99 15.57
C THR B 254 -6.59 -16.82 14.09
N ASP B 255 -7.81 -17.19 13.73
CA ASP B 255 -8.30 -17.01 12.33
C ASP B 255 -9.37 -15.96 12.15
N VAL B 256 -9.25 -15.21 11.06
CA VAL B 256 -10.18 -14.17 10.75
C VAL B 256 -10.12 -13.89 9.26
N SER B 257 -11.21 -13.43 8.72
CA SER B 257 -11.24 -13.02 7.30
C SER B 257 -11.01 -11.54 7.16
N ILE B 258 -10.37 -11.18 6.05
CA ILE B 258 -10.14 -9.78 5.72
C ILE B 258 -11.42 -9.04 5.28
N ARG B 259 -12.48 -9.83 5.11
CA ARG B 259 -13.79 -9.35 4.77
C ARG B 259 -14.77 -9.87 5.80
N PRO B 260 -16.00 -9.41 5.74
CA PRO B 260 -16.97 -9.95 6.67
C PRO B 260 -17.21 -11.47 6.49
N SER B 261 -17.13 -11.92 5.24
CA SER B 261 -17.34 -13.36 4.88
C SER B 261 -16.02 -14.09 4.63
N TRP B 262 -16.05 -15.41 4.74
CA TRP B 262 -14.86 -16.19 4.37
C TRP B 262 -14.72 -16.35 2.86
N PHE B 263 -15.82 -16.43 2.16
CA PHE B 263 -15.79 -16.53 0.69
C PHE B 263 -15.96 -15.16 0.04
N TYR B 264 -15.50 -15.04 -1.22
CA TYR B 264 -15.57 -13.78 -1.97
C TYR B 264 -16.98 -13.47 -2.46
N HIS B 265 -17.41 -12.25 -2.12
CA HIS B 265 -18.67 -11.63 -2.66
C HIS B 265 -18.44 -10.17 -3.00
N ALA B 266 -18.86 -9.75 -4.19
CA ALA B 266 -18.58 -8.40 -4.66
C ALA B 266 -19.23 -7.38 -3.76
N GLU B 267 -20.30 -7.83 -3.15
CA GLU B 267 -21.03 -7.00 -2.16
C GLU B 267 -20.16 -6.50 -1.03
N GLU B 268 -19.06 -7.18 -0.80
CA GLU B 268 -18.20 -6.88 0.34
C GLU B 268 -16.93 -6.14 -0.03
N ASP B 269 -16.91 -5.72 -1.27
CA ASP B 269 -15.75 -5.06 -1.84
C ASP B 269 -15.51 -3.71 -1.16
N SER B 270 -16.57 -3.12 -0.65
CA SER B 270 -16.45 -1.80 0.02
C SER B 270 -16.35 -1.99 1.51
N ARG B 271 -16.31 -3.24 1.93
CA ARG B 271 -16.26 -3.60 3.38
C ARG B 271 -15.03 -4.43 3.75
N VAL B 272 -13.95 -4.28 3.01
CA VAL B 272 -12.68 -4.88 3.42
C VAL B 272 -12.24 -4.22 4.73
N LYS B 273 -11.76 -5.04 5.67
CA LYS B 273 -11.25 -4.48 6.95
C LYS B 273 -10.20 -3.42 6.67
N SER B 274 -10.29 -2.32 7.40
CA SER B 274 -9.25 -1.26 7.26
C SER B 274 -7.88 -1.68 7.80
N VAL B 275 -6.87 -0.90 7.40
CA VAL B 275 -5.49 -1.17 7.85
C VAL B 275 -5.43 -1.09 9.38
N ARG B 276 -6.20 -0.14 9.92
CA ARG B 276 -6.23 0.07 11.38
C ARG B 276 -6.85 -1.12 12.10
N GLU B 277 -7.95 -1.61 11.52
CA GLU B 277 -8.63 -2.83 12.02
C GLU B 277 -7.70 -4.00 11.98
N LEU B 278 -6.95 -4.12 10.90
CA LEU B 278 -6.02 -5.23 10.76
C LEU B 278 -4.86 -5.13 11.77
N TRP B 279 -4.41 -3.90 12.03
CA TRP B 279 -3.39 -3.63 13.05
C TRP B 279 -3.91 -4.02 14.44
N ASP B 280 -5.15 -3.63 14.73
CA ASP B 280 -5.79 -4.10 15.97
C ASP B 280 -5.70 -5.65 16.06
N ILE B 281 -6.17 -6.30 15.01
CA ILE B 281 -6.23 -7.76 15.02
C ILE B 281 -4.84 -8.40 15.17
N TYR B 282 -3.86 -7.75 14.57
CA TYR B 282 -2.47 -8.23 14.62
C TYR B 282 -2.01 -8.20 16.07
N CYS B 283 -2.38 -7.10 16.72
CA CYS B 283 -1.97 -6.83 18.10
C CYS B 283 -2.63 -7.80 19.05
N THR B 284 -3.84 -8.21 18.68
CA THR B 284 -4.65 -9.17 19.49
C THR B 284 -4.53 -10.59 19.05
N SER B 285 -3.55 -10.85 18.20
CA SER B 285 -3.23 -12.26 17.86
C SER B 285 -1.78 -12.54 17.97
N VAL B 286 -1.07 -11.99 17.00
CA VAL B 286 0.39 -12.07 17.03
C VAL B 286 0.95 -11.41 18.32
N GLY B 287 0.32 -10.33 18.72
CA GLY B 287 0.71 -9.53 19.91
C GLY B 287 0.16 -10.05 21.22
N ARG B 288 -0.45 -11.24 21.14
CA ARG B 288 -1.00 -11.98 22.29
C ARG B 288 -0.65 -13.42 22.23
N ASN B 289 0.60 -13.70 21.95
CA ASN B 289 1.15 -15.05 22.08
C ASN B 289 0.45 -16.10 21.19
N SER B 290 0.01 -15.62 20.01
CA SER B 290 -0.67 -16.46 19.02
C SER B 290 -0.03 -16.29 17.63
N VAL B 291 -0.77 -16.79 16.62
CA VAL B 291 -0.36 -16.68 15.19
C VAL B 291 -1.58 -16.22 14.41
N LEU B 292 -1.43 -15.30 13.47
CA LEU B 292 -2.60 -14.78 12.75
C LEU B 292 -2.79 -15.46 11.42
N LEU B 293 -3.93 -16.13 11.30
CA LEU B 293 -4.33 -16.82 10.04
C LEU B 293 -5.40 -15.91 9.38
N LEU B 294 -4.94 -15.18 8.39
CA LEU B 294 -5.75 -14.17 7.70
C LEU B 294 -6.18 -14.58 6.30
N ASN B 295 -7.49 -14.58 6.11
CA ASN B 295 -8.14 -15.10 4.87
C ASN B 295 -8.30 -14.00 3.83
N PHE B 296 -7.82 -14.33 2.63
CA PHE B 296 -8.05 -13.58 1.40
C PHE B 296 -8.84 -14.51 0.48
N PRO B 297 -10.13 -14.21 0.23
CA PRO B 297 -10.92 -15.05 -0.69
C PRO B 297 -10.78 -14.63 -2.18
N PRO B 298 -10.22 -15.50 -2.99
CA PRO B 298 -10.08 -15.21 -4.41
C PRO B 298 -11.44 -15.04 -5.01
N ASP B 299 -11.46 -14.20 -6.01
CA ASP B 299 -12.71 -13.84 -6.72
C ASP B 299 -13.07 -14.76 -7.89
N ARG B 300 -14.05 -14.34 -8.71
CA ARG B 300 -14.54 -15.22 -9.82
C ARG B 300 -13.56 -15.24 -10.98
N ARG B 301 -12.66 -14.28 -10.97
CA ARG B 301 -11.56 -14.25 -11.93
C ARG B 301 -10.45 -15.22 -11.50
N GLY B 302 -10.49 -15.56 -10.23
CA GLY B 302 -9.52 -16.47 -9.61
C GLY B 302 -8.30 -15.73 -9.11
N LEU B 303 -8.55 -14.49 -8.76
CA LEU B 303 -7.51 -13.58 -8.26
C LEU B 303 -7.88 -12.96 -6.91
N ILE B 304 -6.84 -12.54 -6.19
CA ILE B 304 -7.11 -11.71 -4.97
C ILE B 304 -7.51 -10.31 -5.40
N HIS B 305 -8.55 -9.83 -4.74
CA HIS B 305 -9.07 -8.50 -4.94
C HIS B 305 -8.00 -7.48 -4.50
N SER B 306 -7.79 -6.52 -5.35
CA SER B 306 -6.78 -5.46 -5.15
C SER B 306 -6.86 -4.82 -3.78
N THR B 307 -8.06 -4.52 -3.32
CA THR B 307 -8.19 -3.84 -2.03
C THR B 307 -7.69 -4.70 -0.87
N ASP B 308 -8.04 -5.98 -0.89
CA ASP B 308 -7.61 -6.91 0.13
C ASP B 308 -6.08 -6.96 0.21
N SER B 309 -5.50 -7.10 -0.98
CA SER B 309 -4.04 -7.17 -1.11
CA SER B 309 -4.06 -7.18 -1.12
C SER B 309 -3.38 -5.89 -0.61
N LEU B 310 -3.93 -4.79 -1.06
CA LEU B 310 -3.47 -3.39 -0.66
C LEU B 310 -3.42 -3.27 0.87
N HIS B 311 -4.52 -3.58 1.54
CA HIS B 311 -4.58 -3.40 2.98
C HIS B 311 -3.57 -4.22 3.70
N ALA B 312 -3.37 -5.46 3.25
CA ALA B 312 -2.41 -6.34 3.91
C ALA B 312 -0.95 -5.84 3.67
N ALA B 313 -0.69 -5.25 2.52
CA ALA B 313 0.67 -4.78 2.23
C ALA B 313 0.98 -3.55 3.07
N LEU B 314 -0.04 -2.73 3.23
CA LEU B 314 0.02 -1.52 4.07
C LEU B 314 0.23 -1.88 5.55
N LEU B 315 -0.44 -2.93 5.98
CA LEU B 315 -0.25 -3.50 7.31
C LEU B 315 1.23 -3.91 7.50
N LYS B 316 1.73 -4.61 6.52
CA LYS B 316 3.10 -5.07 6.58
C LYS B 316 4.09 -3.90 6.72
N GLN B 317 3.85 -2.88 5.92
CA GLN B 317 4.75 -1.70 5.87
C GLN B 317 4.73 -0.97 7.21
N GLY B 318 3.53 -0.87 7.76
CA GLY B 318 3.31 -0.20 9.06
C GLY B 318 3.97 -0.97 10.19
N ILE B 319 3.87 -2.30 10.14
CA ILE B 319 4.52 -3.15 11.16
C ILE B 319 6.05 -3.00 11.05
N ASP B 320 6.52 -2.95 9.83
CA ASP B 320 7.94 -2.90 9.61
C ASP B 320 8.45 -1.56 10.14
N GLU B 321 7.68 -0.52 9.87
CA GLU B 321 8.04 0.87 10.27
C GLU B 321 7.99 1.00 11.81
N THR B 322 6.91 0.51 12.38
CA THR B 322 6.76 0.52 13.81
C THR B 322 7.96 -0.04 14.53
N PHE B 323 8.36 -1.23 14.15
CA PHE B 323 9.33 -1.99 14.91
C PHE B 323 10.72 -1.96 14.33
N SER B 324 10.97 -1.05 13.40
CA SER B 324 12.31 -0.92 12.78
C SER B 324 13.33 -0.34 13.76
N THR B 325 12.80 0.40 14.70
CA THR B 325 13.63 1.15 15.63
C THR B 325 13.16 0.98 17.07
N ASN B 326 13.95 0.20 17.79
CA ASN B 326 13.77 0.02 19.21
C ASN B 326 14.41 1.22 19.91
N LEU B 327 13.55 2.04 20.47
CA LEU B 327 13.93 3.36 20.98
C LEU B 327 14.75 3.25 22.26
N LEU B 328 14.90 2.03 22.76
CA LEU B 328 15.66 1.83 23.99
C LEU B 328 17.10 1.65 23.64
N ARG B 329 17.35 1.44 22.35
CA ARG B 329 18.74 1.15 21.96
C ARG B 329 19.63 2.35 22.34
N GLY B 330 20.82 2.01 22.77
CA GLY B 330 21.80 3.00 23.26
C GLY B 330 21.65 3.26 24.75
N ALA B 331 20.70 2.56 25.36
CA ALA B 331 20.41 2.77 26.78
C ALA B 331 21.58 2.29 27.62
N LYS B 332 21.78 2.97 28.74
CA LYS B 332 22.54 2.38 29.84
C LYS B 332 21.51 1.57 30.61
N VAL B 333 21.89 0.35 30.91
CA VAL B 333 20.95 -0.60 31.53
C VAL B 333 21.43 -1.04 32.90
N LYS B 334 20.55 -0.97 33.88
CA LYS B 334 20.78 -1.59 35.20
C LYS B 334 19.66 -2.57 35.57
N ALA B 335 20.09 -3.75 36.00
CA ALA B 335 19.21 -4.85 36.37
C ALA B 335 19.54 -5.53 37.70
N THR B 336 18.46 -5.83 38.39
CA THR B 336 18.55 -6.80 39.48
C THR B 336 18.36 -8.20 38.90
N ASN B 337 18.88 -9.16 39.61
CA ASN B 337 18.69 -10.57 39.32
C ASN B 337 19.19 -10.98 37.97
N VAL B 338 20.46 -10.73 37.77
CA VAL B 338 21.18 -11.09 36.55
C VAL B 338 22.09 -12.32 36.67
N ARG B 339 21.83 -13.28 35.80
CA ARG B 339 22.47 -14.61 35.87
C ARG B 339 23.95 -14.55 35.56
N GLY B 340 24.30 -13.62 34.71
CA GLY B 340 25.67 -13.56 34.20
C GLY B 340 25.80 -12.68 32.98
N ALA B 341 27.06 -12.47 32.58
CA ALA B 341 27.40 -11.57 31.44
C ALA B 341 26.68 -12.02 30.15
N LYS B 342 26.76 -13.32 29.93
CA LYS B 342 26.09 -14.07 28.84
C LYS B 342 24.60 -13.74 28.72
N TYR B 343 24.03 -13.45 29.87
CA TYR B 343 22.62 -13.26 30.07
C TYR B 343 22.30 -11.87 30.53
N SER B 344 23.17 -10.93 30.21
CA SER B 344 22.98 -9.54 30.65
C SER B 344 21.68 -9.00 30.09
N PRO B 345 21.11 -8.01 30.77
CA PRO B 345 19.87 -7.40 30.30
C PRO B 345 20.03 -6.72 28.93
N GLU B 346 21.27 -6.34 28.65
CA GLU B 346 21.57 -5.68 27.37
C GLU B 346 21.15 -6.55 26.20
N LYS B 347 21.21 -7.85 26.40
CA LYS B 347 20.83 -8.82 25.36
C LYS B 347 19.41 -8.59 24.86
N MET B 348 18.55 -8.03 25.72
CA MET B 348 17.15 -7.76 25.34
C MET B 348 17.09 -6.70 24.21
N LEU B 349 18.23 -6.06 23.97
CA LEU B 349 18.31 -4.92 23.04
C LEU B 349 19.21 -5.14 21.84
N ASP B 350 19.75 -6.34 21.74
CA ASP B 350 20.84 -6.60 20.78
C ASP B 350 20.40 -7.11 19.44
N ASN B 351 19.10 -7.19 19.26
CA ASN B 351 18.55 -7.64 17.98
C ASN B 351 19.06 -8.99 17.47
N GLU B 352 19.58 -9.80 18.37
CA GLU B 352 20.03 -11.13 17.99
C GLU B 352 18.98 -12.14 18.33
N LYS B 353 18.90 -13.17 17.51
CA LYS B 353 17.83 -14.16 17.63
C LYS B 353 18.02 -15.07 18.84
N ASN B 354 19.26 -15.43 19.12
CA ASN B 354 19.49 -16.49 20.11
C ASN B 354 19.80 -16.00 21.52
N THR B 355 20.20 -14.77 21.65
CA THR B 355 20.57 -14.25 22.97
C THR B 355 19.34 -13.84 23.81
N TYR B 356 19.51 -13.84 25.12
CA TYR B 356 18.46 -13.33 26.01
C TYR B 356 18.96 -12.95 27.41
N PHE B 357 18.21 -12.04 28.04
CA PHE B 357 18.37 -11.71 29.45
C PHE B 357 17.84 -12.89 30.24
N ALA B 358 18.51 -13.21 31.34
CA ALA B 358 18.00 -14.25 32.23
C ALA B 358 18.41 -13.99 33.66
N GLY B 359 17.56 -14.42 34.57
CA GLY B 359 17.79 -14.26 36.01
C GLY B 359 18.39 -15.54 36.59
N LYS B 360 18.69 -15.50 37.89
CA LYS B 360 19.29 -16.63 38.59
C LYS B 360 18.24 -17.67 39.03
N ASP B 361 18.69 -18.90 39.10
CA ASP B 361 17.79 -19.99 39.51
C ASP B 361 17.03 -19.66 40.77
N GLY B 362 15.74 -19.76 40.65
CA GLY B 362 14.84 -19.69 41.77
C GLY B 362 14.33 -18.31 42.04
N GLU B 363 14.85 -17.36 41.29
CA GLU B 363 14.49 -15.96 41.52
C GLU B 363 13.61 -15.48 40.34
N VAL B 364 12.34 -15.27 40.61
CA VAL B 364 11.38 -15.12 39.49
C VAL B 364 11.18 -13.65 39.18
N LYS B 365 11.69 -12.85 40.10
CA LYS B 365 11.57 -11.38 40.10
C LYS B 365 12.82 -10.67 39.60
N ALA B 366 12.58 -9.60 38.85
CA ALA B 366 13.65 -8.76 38.27
C ALA B 366 13.16 -7.36 37.89
N ASP B 367 14.05 -6.41 38.10
CA ASP B 367 13.74 -5.02 37.76
C ASP B 367 14.86 -4.55 36.87
N ILE B 368 14.47 -4.01 35.71
CA ILE B 368 15.41 -3.48 34.74
C ILE B 368 15.10 -2.03 34.44
N ILE B 369 16.18 -1.25 34.51
CA ILE B 369 16.10 0.16 34.20
C ILE B 369 16.93 0.56 32.98
N PHE B 370 16.25 1.21 32.07
CA PHE B 370 16.89 1.69 30.86
C PHE B 370 16.95 3.19 30.97
N THR B 371 18.18 3.69 31.01
CA THR B 371 18.40 5.15 31.05
C THR B 371 18.87 5.56 29.71
N LEU B 372 18.09 6.41 29.10
CA LEU B 372 18.32 6.81 27.72
C LEU B 372 19.08 8.10 27.69
N PRO B 373 19.98 8.23 26.72
CA PRO B 373 20.87 9.39 26.70
C PRO B 373 20.12 10.68 26.49
N LYS B 374 18.96 10.57 25.86
CA LYS B 374 18.02 11.69 25.73
C LYS B 374 16.57 11.19 25.73
N THR B 375 15.63 12.10 25.98
CA THR B 375 14.26 11.67 26.13
C THR B 375 13.71 11.16 24.78
N ILE B 376 12.76 10.26 24.91
CA ILE B 376 12.12 9.62 23.79
C ILE B 376 10.62 9.71 23.97
N GLU B 377 9.95 9.57 22.83
CA GLU B 377 8.50 9.48 22.77
C GLU B 377 8.08 8.18 22.12
N PHE B 378 7.23 7.45 22.83
CA PHE B 378 6.73 6.15 22.37
C PHE B 378 5.30 5.90 22.71
N ASP B 379 4.72 4.95 21.97
CA ASP B 379 3.31 4.63 22.11
C ASP B 379 2.97 3.16 21.81
N CYS B 380 4.00 2.38 21.93
CA CYS B 380 3.96 0.95 21.71
C CYS B 380 5.16 0.34 22.40
N LEU B 381 5.00 -0.89 22.86
CA LEU B 381 6.12 -1.68 23.37
C LEU B 381 5.89 -3.16 23.15
N MET B 382 6.96 -3.90 23.14
CA MET B 382 6.91 -5.32 22.83
C MET B 382 7.87 -6.08 23.70
N ILE B 383 7.44 -7.27 24.11
CA ILE B 383 8.34 -8.17 24.84
C ILE B 383 8.18 -9.62 24.40
N GLU B 384 9.30 -10.35 24.41
CA GLU B 384 9.41 -11.69 23.86
C GLU B 384 10.20 -12.62 24.74
N GLU B 385 9.55 -13.75 25.08
CA GLU B 385 10.07 -14.76 25.99
C GLU B 385 10.76 -15.83 25.21
N VAL B 386 11.65 -16.52 25.90
CA VAL B 386 12.39 -17.61 25.27
C VAL B 386 11.50 -18.85 25.33
N ILE B 387 10.70 -19.07 24.29
CA ILE B 387 9.59 -20.06 24.46
C ILE B 387 9.98 -21.53 24.65
N GLU B 388 11.18 -21.87 24.21
CA GLU B 388 11.69 -23.22 24.39
C GLU B 388 11.85 -23.53 25.87
N LEU B 389 11.93 -22.47 26.67
CA LEU B 389 12.15 -22.63 28.13
C LEU B 389 10.85 -22.58 28.93
N GLY B 390 9.74 -22.52 28.21
CA GLY B 390 8.38 -22.52 28.79
C GLY B 390 7.82 -21.18 29.15
N HIS B 391 6.57 -21.20 29.61
CA HIS B 391 6.01 -20.00 30.19
C HIS B 391 6.63 -19.84 31.60
N ARG B 392 7.43 -18.79 31.77
CA ARG B 392 8.19 -18.55 33.01
C ARG B 392 7.68 -17.40 33.82
N THR B 393 7.49 -16.30 33.15
CA THR B 393 7.01 -15.06 33.80
C THR B 393 5.52 -14.98 33.69
N THR B 394 4.92 -14.58 34.82
CA THR B 394 3.46 -14.52 34.96
C THR B 394 2.86 -13.20 35.40
N LYS B 395 3.72 -12.23 35.69
CA LYS B 395 3.27 -10.85 35.95
C LYS B 395 4.40 -9.90 35.65
N TRP B 396 4.05 -8.83 34.96
CA TRP B 396 5.00 -7.83 34.52
C TRP B 396 4.33 -6.51 34.27
N SER B 397 5.13 -5.46 34.40
CA SER B 397 4.64 -4.08 34.24
C SER B 397 5.76 -3.22 33.66
N VAL B 398 5.40 -2.13 33.02
CA VAL B 398 6.41 -1.18 32.53
C VAL B 398 6.09 0.21 33.06
N GLU B 399 7.12 0.88 33.54
CA GLU B 399 6.97 2.23 34.02
C GLU B 399 7.97 3.14 33.33
N TYR B 400 7.77 4.42 33.48
CA TYR B 400 8.76 5.37 32.99
C TYR B 400 8.85 6.64 33.85
N THR B 401 9.89 7.39 33.55
CA THR B 401 10.10 8.71 34.14
C THR B 401 10.88 9.69 33.26
N VAL B 402 10.80 10.95 33.67
CA VAL B 402 11.54 12.03 32.98
C VAL B 402 12.47 12.82 33.91
N ASP B 403 11.99 13.17 35.09
CA ASP B 403 12.81 13.95 36.05
C ASP B 403 13.37 13.03 37.11
N GLY B 404 13.05 11.76 36.89
CA GLY B 404 13.52 10.68 37.72
C GLY B 404 13.05 10.83 39.13
N LYS B 405 11.96 11.56 39.28
CA LYS B 405 11.43 11.93 40.62
C LYS B 405 10.41 10.94 41.10
N ASN B 406 9.99 10.12 40.17
CA ASN B 406 8.93 9.15 40.44
C ASN B 406 8.77 8.30 39.21
N TRP B 407 8.31 7.07 39.41
CA TRP B 407 7.96 6.21 38.27
C TRP B 407 6.52 6.43 37.97
N ILE B 408 6.25 6.69 36.69
CA ILE B 408 4.88 6.83 36.25
C ILE B 408 4.48 5.52 35.62
N THR B 409 3.27 5.08 35.91
CA THR B 409 2.79 3.81 35.39
C THR B 409 2.36 4.04 33.97
N ILE B 410 2.45 2.95 33.19
CA ILE B 410 1.78 2.88 31.90
C ILE B 410 0.48 2.13 32.10
N PRO B 411 -0.67 2.82 31.96
CA PRO B 411 -2.01 2.30 32.20
C PRO B 411 -2.20 0.95 31.51
N GLU B 412 -1.79 0.89 30.24
CA GLU B 412 -2.02 -0.30 29.41
C GLU B 412 -0.99 -1.41 29.66
N ALA B 413 0.01 -1.10 30.45
CA ALA B 413 1.12 -2.05 30.71
C ALA B 413 1.37 -2.20 32.21
N THR B 414 0.27 -2.35 32.93
CA THR B 414 0.30 -2.57 34.38
C THR B 414 -0.30 -3.92 34.70
N ASP B 415 0.43 -4.68 35.48
CA ASP B 415 0.06 -6.02 35.90
C ASP B 415 -0.51 -6.89 34.79
N LYS B 416 0.23 -6.85 33.70
CA LYS B 416 0.12 -7.87 32.62
C LYS B 416 0.59 -9.23 33.09
N GLN B 417 0.13 -10.30 32.45
CA GLN B 417 0.49 -11.68 32.88
C GLN B 417 1.41 -12.46 31.98
N ALA B 418 0.84 -12.89 30.85
CA ALA B 418 1.59 -13.71 29.89
C ALA B 418 2.54 -12.85 29.07
N ILE B 419 3.64 -13.49 28.72
CA ILE B 419 4.52 -12.99 27.71
C ILE B 419 4.49 -13.98 26.52
N GLY B 420 5.16 -15.08 26.70
CA GLY B 420 5.24 -16.10 25.66
C GLY B 420 5.97 -15.62 24.39
N HIS B 421 5.52 -16.08 23.24
CA HIS B 421 6.27 -15.81 21.97
C HIS B 421 6.44 -14.33 21.75
N LYS B 422 5.38 -13.61 22.01
CA LYS B 422 5.39 -12.19 21.79
C LYS B 422 4.18 -11.56 22.43
N TRP B 423 4.40 -10.47 23.15
CA TRP B 423 3.28 -9.66 23.68
C TRP B 423 3.52 -8.19 23.33
N ILE B 424 2.51 -7.57 22.74
CA ILE B 424 2.53 -6.19 22.34
C ILE B 424 1.57 -5.38 23.17
N VAL B 425 2.00 -4.15 23.49
CA VAL B 425 1.13 -3.18 24.17
C VAL B 425 1.16 -1.84 23.48
N ARG B 426 -0.02 -1.35 23.23
CA ARG B 426 -0.19 -0.03 22.64
C ARG B 426 -0.63 0.88 23.75
N LEU B 427 -0.16 2.10 23.70
CA LEU B 427 -0.36 3.02 24.82
C LEU B 427 -0.49 4.44 24.36
N ALA B 428 -1.15 5.23 25.20
CA ALA B 428 -1.20 6.67 24.98
C ALA B 428 0.25 7.18 24.99
N PRO B 429 0.58 7.99 23.99
CA PRO B 429 1.99 8.27 23.85
C PRO B 429 2.54 8.96 25.09
N VAL B 430 3.77 8.58 25.42
CA VAL B 430 4.50 9.17 26.55
C VAL B 430 5.90 9.57 26.19
N LYS B 431 6.42 10.51 26.98
CA LYS B 431 7.81 10.95 26.91
C LYS B 431 8.60 10.49 28.10
N ALA B 432 9.76 9.93 27.81
CA ALA B 432 10.55 9.28 28.86
C ALA B 432 12.02 9.51 28.67
N LYS B 433 12.70 9.59 29.81
CA LYS B 433 14.15 9.60 29.85
C LYS B 433 14.67 8.32 30.42
N GLN B 434 13.83 7.68 31.22
CA GLN B 434 14.08 6.32 31.69
C GLN B 434 12.81 5.47 31.66
N VAL B 435 13.02 4.22 31.33
CA VAL B 435 11.97 3.19 31.27
C VAL B 435 12.31 2.07 32.23
N ARG B 436 11.34 1.63 33.00
CA ARG B 436 11.50 0.48 33.92
C ARG B 436 10.62 -0.74 33.59
N LEU B 437 11.27 -1.86 33.45
CA LEU B 437 10.62 -3.17 33.20
C LEU B 437 10.69 -3.98 34.46
N ARG B 438 9.50 -4.17 35.03
CA ARG B 438 9.31 -4.97 36.24
C ARG B 438 8.76 -6.37 35.95
N ILE B 439 9.62 -7.36 36.20
CA ILE B 439 9.23 -8.76 36.14
C ILE B 439 8.82 -9.04 37.57
N GLN B 440 7.52 -9.16 37.80
CA GLN B 440 6.95 -9.15 39.16
C GLN B 440 6.59 -10.49 39.75
N ASP B 441 6.56 -11.49 38.92
CA ASP B 441 6.23 -12.85 39.37
C ASP B 441 6.47 -13.83 38.23
N GLY B 442 6.66 -15.08 38.63
CA GLY B 442 6.86 -16.17 37.67
C GLY B 442 6.81 -17.53 38.30
N LYS B 443 6.81 -18.51 37.43
CA LYS B 443 7.02 -19.91 37.84
C LYS B 443 8.48 -20.26 37.88
N ALA B 444 9.25 -19.51 37.12
CA ALA B 444 10.71 -19.61 37.12
C ALA B 444 11.35 -18.26 36.81
N CYS B 445 12.68 -18.25 36.87
CA CYS B 445 13.46 -17.03 36.66
C CYS B 445 13.29 -16.61 35.20
N PRO B 446 13.33 -15.28 34.94
CA PRO B 446 12.97 -14.79 33.62
C PRO B 446 13.93 -15.24 32.62
N ALA B 447 13.42 -15.38 31.40
CA ALA B 447 14.24 -15.58 30.19
C ALA B 447 13.61 -14.82 29.00
N ILE B 448 14.19 -13.67 28.68
CA ILE B 448 13.58 -12.68 27.77
C ILE B 448 14.50 -12.36 26.59
N HIS B 449 14.00 -12.64 25.40
CA HIS B 449 14.75 -12.39 24.17
C HIS B 449 14.83 -10.95 23.86
N THR B 450 13.71 -10.28 24.03
CA THR B 450 13.57 -8.94 23.51
C THR B 450 12.73 -8.07 24.37
N PHE B 451 13.14 -6.83 24.46
CA PHE B 451 12.27 -5.80 25.04
C PHE B 451 12.52 -4.48 24.32
N GLY B 452 11.44 -3.86 23.91
CA GLY B 452 11.52 -2.62 23.15
C GLY B 452 10.34 -1.72 23.33
N VAL B 453 10.61 -0.46 23.07
CA VAL B 453 9.58 0.52 22.92
C VAL B 453 9.73 1.18 21.55
N TYR B 454 8.58 1.62 21.05
CA TYR B 454 8.47 2.05 19.64
C TYR B 454 7.44 3.13 19.43
N LYS B 455 7.58 3.81 18.31
CA LYS B 455 6.60 4.77 17.91
C LYS B 455 5.76 4.15 16.75
N GLN B 456 4.46 4.09 16.91
CA GLN B 456 3.68 3.43 15.85
C GLN B 456 3.69 4.20 14.56
N SER B 457 3.76 3.43 13.49
CA SER B 457 3.71 3.95 12.13
C SER B 457 2.48 4.84 11.90
N PRO B 458 2.67 5.98 11.22
CA PRO B 458 1.50 6.77 10.90
C PRO B 458 0.58 6.01 9.97
N VAL B 459 1.05 4.91 9.45
CA VAL B 459 0.17 4.08 8.61
C VAL B 459 -1.07 3.74 9.42
N PHE B 460 -0.85 3.63 10.71
CA PHE B 460 -1.88 3.28 11.67
C PHE B 460 -2.47 4.56 12.25
#